data_4CNO
#
_entry.id   4CNO
#
_cell.length_a   78.670
_cell.length_b   39.406
_cell.length_c   155.130
_cell.angle_alpha   90.00
_cell.angle_beta   104.68
_cell.angle_gamma   90.00
#
_symmetry.space_group_name_H-M   'P 1 21 1'
#
loop_
_entity.id
_entity.type
_entity.pdbx_description
1 polymer '3-DEHYDROQUINATE DEHYDRATASE'
2 non-polymer '(2R)-2-METHYL-3-DEHYDROQUINIC ACID'
3 water water
#
_entity_poly.entity_id   1
_entity_poly.type   'polypeptide(L)'
_entity_poly.pdbx_seq_one_letter_code
;MKTVTVKNLIIGEGMPKIIVSLMGRDINSVKAEALAYREATFDILEWRVDHFMDIASTQSVLTAARVIRDAMPDIPLLFT
FRSAKEGGEQTITTQHYLTLNRAAIDSGLVDMIDLELFTGDADVKATVDYAHAHNVYVVMSNHDFHQTPSAEEMVLRLRK
MQALGADIPKIAVMPQSKHDVLTLLTATLEMQQHYADRPVITMSMAKEGVISRLAGEVFGSAATFGAVKQASAPGQIAVN
DLRSVLMILHNA
;
_entity_poly.pdbx_strand_id   A,B,C,D
#
loop_
_chem_comp.id
_chem_comp.type
_chem_comp.name
_chem_comp.formula
9PY non-polymer '(2R)-2-METHYL-3-DEHYDROQUINIC ACID' 'C8 H12 O6'
#
# COMPACT_ATOMS: atom_id res chain seq x y z
N LYS A 2 -52.70 16.37 22.67
CA LYS A 2 -53.25 17.40 23.59
C LYS A 2 -53.50 18.70 22.83
N THR A 3 -54.28 19.59 23.44
CA THR A 3 -54.35 20.98 23.00
C THR A 3 -53.66 21.86 24.03
N VAL A 4 -53.35 23.09 23.64
CA VAL A 4 -52.81 24.08 24.53
C VAL A 4 -53.89 25.16 24.65
N THR A 5 -54.37 25.38 25.86
CA THR A 5 -55.42 26.35 26.13
C THR A 5 -54.75 27.54 26.81
N VAL A 6 -54.79 28.70 26.16
CA VAL A 6 -54.25 29.94 26.73
C VAL A 6 -55.35 31.00 26.60
N LYS A 7 -55.69 31.62 27.73
CA LYS A 7 -56.95 32.36 27.84
C LYS A 7 -58.05 31.34 27.55
N ASN A 8 -58.87 31.60 26.55
CA ASN A 8 -59.91 30.68 26.12
C ASN A 8 -59.61 30.20 24.72
N LEU A 9 -58.36 30.40 24.29
CA LEU A 9 -57.89 29.98 22.98
C LEU A 9 -57.40 28.55 23.07
N ILE A 10 -57.93 27.69 22.19
CA ILE A 10 -57.63 26.26 22.21
C ILE A 10 -56.80 25.89 20.97
N ILE A 11 -55.49 25.91 21.15
CA ILE A 11 -54.53 25.65 20.07
C ILE A 11 -54.44 24.14 19.84
N GLY A 12 -54.70 23.71 18.59
CA GLY A 12 -54.67 22.29 18.21
C GLY A 12 -56.03 21.69 17.89
N GLU A 13 -57.07 22.50 17.96
CA GLU A 13 -58.41 22.12 17.52
C GLU A 13 -58.88 23.17 16.52
N GLY A 14 -59.88 22.82 15.71
CA GLY A 14 -60.54 23.77 14.82
C GLY A 14 -59.61 24.47 13.86
N MET A 15 -59.96 25.70 13.49
CA MET A 15 -59.16 26.48 12.55
C MET A 15 -57.82 26.90 13.14
N PRO A 16 -56.74 26.90 12.34
CA PRO A 16 -55.47 27.35 12.89
C PRO A 16 -55.56 28.73 13.50
N LYS A 17 -54.83 28.94 14.58
CA LYS A 17 -54.84 30.23 15.29
C LYS A 17 -53.91 31.21 14.59
N ILE A 18 -54.25 32.48 14.67
CA ILE A 18 -53.54 33.51 13.95
C ILE A 18 -52.64 34.27 14.93
N ILE A 19 -51.35 34.22 14.65
CA ILE A 19 -50.31 34.92 15.41
C ILE A 19 -49.87 36.16 14.64
N VAL A 20 -49.66 37.25 15.36
CA VAL A 20 -49.06 38.45 14.73
C VAL A 20 -47.81 38.80 15.50
N SER A 21 -46.80 39.28 14.78
CA SER A 21 -45.52 39.56 15.39
C SER A 21 -45.34 41.06 15.54
N LEU A 22 -45.05 41.50 16.77
CA LEU A 22 -44.81 42.91 17.08
C LEU A 22 -43.32 43.16 17.22
N MET A 23 -42.82 44.13 16.45
CA MET A 23 -41.42 44.54 16.42
C MET A 23 -41.24 46.00 16.82
N GLY A 24 -40.45 46.22 17.86
CA GLY A 24 -40.12 47.56 18.33
C GLY A 24 -38.67 47.64 18.73
N ARG A 25 -37.96 48.63 18.21
CA ARG A 25 -36.54 48.82 18.51
C ARG A 25 -36.25 49.49 19.85
N ASP A 26 -37.23 50.22 20.39
CA ASP A 26 -37.11 50.82 21.71
C ASP A 26 -38.51 50.88 22.32
N ILE A 27 -38.59 51.35 23.56
CA ILE A 27 -39.86 51.35 24.29
C ILE A 27 -40.91 52.20 23.58
N ASN A 28 -40.49 53.32 22.97
CA ASN A 28 -41.42 54.18 22.23
C ASN A 28 -42.09 53.47 21.06
N SER A 29 -41.30 52.73 20.29
CA SER A 29 -41.79 52.00 19.13
C SER A 29 -42.66 50.82 19.55
N VAL A 30 -42.19 50.05 20.54
CA VAL A 30 -43.00 48.97 21.09
C VAL A 30 -44.38 49.51 21.48
N LYS A 31 -44.41 50.63 22.18
CA LYS A 31 -45.67 51.28 22.58
C LYS A 31 -46.48 51.67 21.35
N ALA A 32 -45.90 52.43 20.44
CA ALA A 32 -46.66 52.87 19.26
C ALA A 32 -47.19 51.66 18.46
N GLU A 33 -46.40 50.60 18.35
CA GLU A 33 -46.84 49.41 17.62
C GLU A 33 -47.98 48.71 18.35
N ALA A 34 -47.84 48.58 19.66
CA ALA A 34 -48.88 47.97 20.49
C ALA A 34 -50.21 48.73 20.37
N LEU A 35 -50.14 50.05 20.41
CA LEU A 35 -51.35 50.82 20.27
C LEU A 35 -51.99 50.63 18.88
N ALA A 36 -51.15 50.47 17.85
CA ALA A 36 -51.63 50.13 16.50
C ALA A 36 -52.27 48.73 16.49
N TYR A 37 -51.57 47.76 17.07
CA TYR A 37 -52.03 46.37 17.01
C TYR A 37 -53.32 46.13 17.80
N ARG A 38 -53.58 46.99 18.79
CA ARG A 38 -54.85 46.98 19.55
C ARG A 38 -56.07 47.10 18.63
N GLU A 39 -55.92 47.87 17.56
CA GLU A 39 -57.02 48.12 16.65
C GLU A 39 -57.41 46.86 15.88
N ALA A 40 -56.44 46.00 15.59
CA ALA A 40 -56.65 44.75 14.84
C ALA A 40 -57.04 43.54 15.70
N THR A 41 -57.45 42.48 15.03
CA THR A 41 -57.91 41.26 15.72
C THR A 41 -57.04 40.09 15.27
N PHE A 42 -56.64 39.27 16.24
CA PHE A 42 -55.80 38.10 16.04
C PHE A 42 -55.83 37.30 17.34
N ASP A 43 -55.24 36.11 17.33
CA ASP A 43 -55.35 35.19 18.45
C ASP A 43 -54.18 35.27 19.43
N ILE A 44 -52.97 35.46 18.90
CA ILE A 44 -51.75 35.50 19.72
C ILE A 44 -50.86 36.65 19.30
N LEU A 45 -50.29 37.34 20.28
CA LEU A 45 -49.31 38.37 20.01
C LEU A 45 -47.92 37.82 20.29
N GLU A 46 -47.09 37.78 19.26
CA GLU A 46 -45.71 37.40 19.40
C GLU A 46 -44.87 38.66 19.50
N TRP A 47 -44.20 38.83 20.63
CA TRP A 47 -43.29 39.93 20.74
C TRP A 47 -41.91 39.48 20.28
N ARG A 48 -41.43 40.13 19.24
CA ARG A 48 -40.16 39.75 18.68
C ARG A 48 -39.06 40.57 19.36
N VAL A 49 -38.57 40.02 20.47
CA VAL A 49 -37.68 40.74 21.35
C VAL A 49 -36.33 41.01 20.73
N ASP A 50 -35.90 40.19 19.77
CA ASP A 50 -34.58 40.39 19.12
C ASP A 50 -34.49 41.72 18.35
N HIS A 51 -35.63 42.34 18.07
CA HIS A 51 -35.63 43.68 17.45
C HIS A 51 -35.31 44.78 18.47
N PHE A 52 -35.49 44.48 19.75
CA PHE A 52 -35.34 45.46 20.86
C PHE A 52 -33.86 45.70 21.14
N MET A 53 -33.41 46.97 21.06
CA MET A 53 -31.97 47.24 21.18
C MET A 53 -31.44 47.15 22.60
N ASP A 54 -32.25 47.50 23.60
CA ASP A 54 -31.75 47.59 25.00
C ASP A 54 -31.93 46.27 25.75
N ILE A 55 -31.73 45.15 25.05
CA ILE A 55 -31.87 43.83 25.68
C ILE A 55 -30.81 43.51 26.73
N ALA A 56 -29.74 44.30 26.77
CA ALA A 56 -28.78 44.26 27.89
C ALA A 56 -29.48 44.41 29.25
N SER A 57 -30.50 45.28 29.27
CA SER A 57 -31.24 45.62 30.49
C SER A 57 -32.49 44.75 30.65
N THR A 58 -32.42 43.82 31.58
CA THR A 58 -33.57 42.97 31.87
C THR A 58 -34.76 43.83 32.30
N GLN A 59 -34.50 44.88 33.08
CA GLN A 59 -35.56 45.81 33.46
C GLN A 59 -36.23 46.43 32.24
N SER A 60 -35.45 46.93 31.29
CA SER A 60 -36.01 47.57 30.10
C SER A 60 -36.93 46.61 29.36
N VAL A 61 -36.53 45.35 29.31
CA VAL A 61 -37.27 44.31 28.60
C VAL A 61 -38.62 44.05 29.26
N LEU A 62 -38.61 43.98 30.58
CA LEU A 62 -39.80 43.70 31.35
C LEU A 62 -40.73 44.91 31.32
N THR A 63 -40.14 46.11 31.32
CA THR A 63 -40.92 47.34 31.10
C THR A 63 -41.67 47.31 29.75
N ALA A 64 -40.99 46.91 28.69
CA ALA A 64 -41.62 46.77 27.36
C ALA A 64 -42.72 45.72 27.37
N ALA A 65 -42.46 44.60 28.04
CA ALA A 65 -43.49 43.55 28.12
C ALA A 65 -44.76 44.14 28.74
N ARG A 66 -44.56 44.90 29.81
CA ARG A 66 -45.70 45.55 30.45
C ARG A 66 -46.47 46.49 29.49
N VAL A 67 -45.78 47.28 28.69
CA VAL A 67 -46.44 48.18 27.73
C VAL A 67 -47.32 47.38 26.75
N ILE A 68 -46.78 46.24 26.30
CA ILE A 68 -47.54 45.37 25.42
C ILE A 68 -48.77 44.80 26.14
N ARG A 69 -48.56 44.18 27.29
CA ARG A 69 -49.66 43.61 28.07
C ARG A 69 -50.75 44.62 28.39
N ASP A 70 -50.33 45.85 28.75
CA ASP A 70 -51.28 46.91 29.09
C ASP A 70 -52.08 47.37 27.89
N ALA A 71 -51.47 47.37 26.70
CA ALA A 71 -52.19 47.73 25.48
C ALA A 71 -53.13 46.63 24.97
N MET A 72 -52.86 45.37 25.30
CA MET A 72 -53.76 44.34 24.83
C MET A 72 -54.15 43.36 25.95
N PRO A 73 -54.97 43.81 26.90
CA PRO A 73 -55.39 42.90 27.96
C PRO A 73 -56.09 41.68 27.38
N ASP A 74 -55.91 40.56 28.06
CA ASP A 74 -56.52 39.30 27.68
C ASP A 74 -56.06 38.73 26.34
N ILE A 75 -54.97 39.25 25.76
CA ILE A 75 -54.40 38.67 24.55
C ILE A 75 -53.23 37.79 24.96
N PRO A 76 -53.20 36.52 24.49
CA PRO A 76 -52.03 35.69 24.77
C PRO A 76 -50.76 36.27 24.17
N LEU A 77 -49.73 36.39 25.01
CA LEU A 77 -48.44 37.02 24.68
C LEU A 77 -47.35 35.97 24.62
N LEU A 78 -46.77 35.83 23.44
CA LEU A 78 -45.65 34.94 23.20
C LEU A 78 -44.40 35.76 23.18
N PHE A 79 -43.41 35.38 23.99
CA PHE A 79 -42.15 36.10 24.09
C PHE A 79 -41.13 35.36 23.25
N THR A 80 -40.69 35.99 22.14
CA THR A 80 -39.73 35.40 21.20
C THR A 80 -38.47 36.24 20.95
N PHE A 81 -37.31 35.75 21.42
CA PHE A 81 -36.05 36.23 20.91
C PHE A 81 -35.55 35.27 19.82
N ARG A 82 -35.57 35.73 18.58
CA ARG A 82 -35.12 34.88 17.47
C ARG A 82 -33.65 35.25 17.18
N SER A 83 -32.78 34.26 17.13
CA SER A 83 -31.34 34.48 16.94
C SER A 83 -31.05 34.86 15.49
N ALA A 84 -29.91 35.49 15.24
CA ALA A 84 -29.56 35.96 13.89
C ALA A 84 -29.48 34.79 12.90
N LYS A 85 -28.79 33.75 13.32
CA LYS A 85 -28.62 32.54 12.51
C LYS A 85 -29.96 32.01 11.99
N GLU A 86 -31.00 32.10 12.82
CA GLU A 86 -32.32 31.65 12.45
C GLU A 86 -33.26 32.76 11.96
N GLY A 87 -32.69 33.89 11.51
CA GLY A 87 -33.44 34.93 10.82
C GLY A 87 -33.78 36.16 11.68
N GLY A 88 -33.33 36.15 12.93
CA GLY A 88 -33.57 37.27 13.84
C GLY A 88 -32.56 38.38 13.66
N GLU A 89 -32.79 39.47 14.37
CA GLU A 89 -32.01 40.70 14.23
C GLU A 89 -30.70 40.77 15.00
N GLN A 90 -30.51 39.89 15.98
CA GLN A 90 -29.28 39.92 16.75
C GLN A 90 -28.96 38.59 17.40
N THR A 91 -27.74 38.55 17.95
CA THR A 91 -27.18 37.38 18.58
C THR A 91 -26.74 37.72 19.99
N ILE A 92 -27.02 36.82 20.91
CA ILE A 92 -26.63 36.97 22.30
C ILE A 92 -26.11 35.63 22.81
N THR A 93 -25.37 35.67 23.91
CA THR A 93 -24.89 34.46 24.57
C THR A 93 -26.04 33.62 25.07
N THR A 94 -25.79 32.33 25.25
CA THR A 94 -26.80 31.42 25.79
C THR A 94 -27.20 31.83 27.21
N GLN A 95 -26.26 32.42 27.94
CA GLN A 95 -26.54 32.95 29.28
C GLN A 95 -27.50 34.14 29.25
N HIS A 96 -27.24 35.11 28.37
CA HIS A 96 -28.11 36.27 28.21
C HIS A 96 -29.48 35.85 27.67
N TYR A 97 -29.50 34.94 26.70
CA TYR A 97 -30.74 34.35 26.18
C TYR A 97 -31.54 33.71 27.31
N LEU A 98 -30.81 32.96 28.15
CA LEU A 98 -31.39 32.23 29.25
C LEU A 98 -31.93 33.19 30.31
N THR A 99 -31.11 34.18 30.65
CA THR A 99 -31.50 35.23 31.57
C THR A 99 -32.81 35.89 31.12
N LEU A 100 -32.93 36.14 29.82
CA LEU A 100 -34.09 36.83 29.27
C LEU A 100 -35.37 36.01 29.37
N ASN A 101 -35.34 34.77 28.91
CA ASN A 101 -36.54 33.94 28.92
C ASN A 101 -37.04 33.62 30.34
N ARG A 102 -36.11 33.43 31.26
CA ARG A 102 -36.50 33.21 32.65
C ARG A 102 -37.16 34.43 33.29
N ALA A 103 -36.65 35.62 32.99
CA ALA A 103 -37.28 36.85 33.48
C ALA A 103 -38.67 37.04 32.86
N ALA A 104 -38.82 36.65 31.60
CA ALA A 104 -40.11 36.68 30.94
C ALA A 104 -41.11 35.74 31.67
N ILE A 105 -40.62 34.55 32.02
CA ILE A 105 -41.43 33.55 32.69
C ILE A 105 -41.81 34.01 34.09
N ASP A 106 -40.83 34.48 34.83
CA ASP A 106 -41.05 35.02 36.18
C ASP A 106 -42.01 36.19 36.22
N SER A 107 -41.94 37.08 35.24
CA SER A 107 -42.72 38.31 35.23
C SER A 107 -44.24 38.16 35.43
N GLY A 108 -44.81 37.04 35.02
CA GLY A 108 -46.26 36.89 35.03
C GLY A 108 -46.93 37.71 33.93
N LEU A 109 -46.11 38.27 33.04
CA LEU A 109 -46.61 39.08 31.94
C LEU A 109 -46.85 38.23 30.69
N VAL A 110 -46.12 37.12 30.56
CA VAL A 110 -46.15 36.35 29.30
C VAL A 110 -46.74 34.95 29.46
N ASP A 111 -47.43 34.51 28.41
CA ASP A 111 -48.20 33.29 28.47
C ASP A 111 -47.42 32.12 27.88
N MET A 112 -46.55 32.44 26.92
CA MET A 112 -45.69 31.49 26.24
C MET A 112 -44.32 32.11 25.98
N ILE A 113 -43.29 31.27 25.95
CA ILE A 113 -41.97 31.67 25.50
C ILE A 113 -41.59 30.81 24.29
N ASP A 114 -40.80 31.39 23.41
CA ASP A 114 -40.17 30.67 22.33
C ASP A 114 -38.78 30.25 22.78
N LEU A 115 -38.43 28.97 22.56
CA LEU A 115 -37.10 28.45 22.82
CA LEU A 115 -37.08 28.47 22.80
C LEU A 115 -36.59 27.80 21.53
N GLU A 116 -35.42 28.20 21.07
CA GLU A 116 -34.83 27.57 19.88
C GLU A 116 -34.27 26.18 20.24
N LEU A 117 -34.72 25.18 19.49
CA LEU A 117 -34.22 23.79 19.62
C LEU A 117 -32.71 23.68 19.69
N PHE A 118 -32.00 24.42 18.84
CA PHE A 118 -30.54 24.32 18.79
C PHE A 118 -29.82 25.37 19.65
N THR A 119 -30.34 25.56 20.85
CA THR A 119 -29.71 26.42 21.84
C THR A 119 -28.66 25.62 22.60
N GLY A 120 -29.05 24.43 23.03
CA GLY A 120 -28.25 23.59 23.92
C GLY A 120 -29.22 22.71 24.69
N ASP A 121 -29.04 21.39 24.62
CA ASP A 121 -30.04 20.46 25.16
C ASP A 121 -30.27 20.59 26.66
N ALA A 122 -29.20 20.77 27.42
CA ALA A 122 -29.29 20.98 28.87
C ALA A 122 -30.06 22.25 29.20
N ASP A 123 -29.70 23.35 28.54
CA ASP A 123 -30.34 24.65 28.77
C ASP A 123 -31.81 24.65 28.36
N VAL A 124 -32.13 24.03 27.23
CA VAL A 124 -33.52 23.93 26.78
C VAL A 124 -34.35 23.13 27.81
N LYS A 125 -33.83 21.97 28.21
CA LYS A 125 -34.50 21.15 29.21
C LYS A 125 -34.73 21.93 30.51
N ALA A 126 -33.66 22.57 31.01
CA ALA A 126 -33.74 23.40 32.21
C ALA A 126 -34.81 24.50 32.10
N THR A 127 -34.75 25.25 31.00
CA THR A 127 -35.72 26.32 30.75
C THR A 127 -37.14 25.82 30.49
N VAL A 128 -37.27 24.69 29.80
CA VAL A 128 -38.59 24.13 29.62
C VAL A 128 -39.20 23.81 30.99
N ASP A 129 -38.43 23.13 31.84
CA ASP A 129 -38.91 22.74 33.16
C ASP A 129 -39.35 23.95 33.97
N TYR A 130 -38.54 25.01 33.90
CA TYR A 130 -38.79 26.29 34.58
C TYR A 130 -40.06 26.97 34.09
N ALA A 131 -40.32 26.90 32.78
CA ALA A 131 -41.55 27.45 32.24
C ALA A 131 -42.78 26.75 32.80
N HIS A 132 -42.77 25.42 32.76
CA HIS A 132 -43.91 24.61 33.18
C HIS A 132 -44.18 24.73 34.66
N ALA A 133 -43.10 24.89 35.43
CA ALA A 133 -43.19 25.14 36.86
C ALA A 133 -43.96 26.41 37.17
N HIS A 134 -43.93 27.38 36.26
CA HIS A 134 -44.66 28.66 36.43
C HIS A 134 -45.86 28.79 35.49
N ASN A 135 -46.38 27.67 35.00
CA ASN A 135 -47.56 27.66 34.14
C ASN A 135 -47.40 28.54 32.90
N VAL A 136 -46.21 28.49 32.31
CA VAL A 136 -45.90 29.12 31.02
C VAL A 136 -45.65 28.02 30.00
N TYR A 137 -46.20 28.17 28.81
CA TYR A 137 -46.00 27.16 27.75
C TYR A 137 -44.77 27.53 26.91
N VAL A 138 -44.19 26.50 26.29
CA VAL A 138 -43.02 26.63 25.43
C VAL A 138 -43.38 26.30 23.98
N VAL A 139 -43.18 27.28 23.09
CA VAL A 139 -43.16 26.99 21.68
C VAL A 139 -41.70 26.73 21.40
N MET A 140 -41.37 25.51 20.97
CA MET A 140 -39.98 25.21 20.66
C MET A 140 -39.78 25.29 19.15
N SER A 141 -38.82 26.09 18.72
CA SER A 141 -38.73 26.46 17.32
C SER A 141 -37.41 26.13 16.64
N ASN A 142 -37.49 26.00 15.33
CA ASN A 142 -36.34 25.88 14.46
C ASN A 142 -36.69 26.53 13.14
N HIS A 143 -35.81 27.44 12.69
CA HIS A 143 -35.99 28.14 11.41
C HIS A 143 -34.76 27.95 10.54
N ASP A 144 -35.03 27.75 9.25
CA ASP A 144 -33.97 27.76 8.23
C ASP A 144 -34.45 28.77 7.20
N PHE A 145 -33.84 29.95 7.16
CA PHE A 145 -34.29 30.98 6.21
C PHE A 145 -33.57 30.96 4.86
N HIS A 146 -32.71 29.96 4.67
CA HIS A 146 -31.99 29.80 3.40
CA HIS A 146 -31.98 29.79 3.40
C HIS A 146 -32.59 28.71 2.51
N GLN A 147 -33.06 27.64 3.13
CA GLN A 147 -33.50 26.46 2.39
C GLN A 147 -34.34 25.50 3.22
N THR A 148 -34.73 24.40 2.59
CA THR A 148 -35.68 23.48 3.16
C THR A 148 -34.99 22.12 3.35
N PRO A 149 -34.87 21.65 4.60
CA PRO A 149 -34.34 20.32 4.82
C PRO A 149 -35.21 19.21 4.25
N SER A 150 -34.70 17.99 4.33
CA SER A 150 -35.44 16.80 3.95
C SER A 150 -36.66 16.59 4.87
N ALA A 151 -37.72 15.98 4.36
CA ALA A 151 -38.93 15.73 5.18
C ALA A 151 -38.56 14.92 6.43
N GLU A 152 -37.70 13.92 6.25
CA GLU A 152 -37.20 13.13 7.37
C GLU A 152 -36.57 14.04 8.44
N GLU A 153 -35.67 14.93 8.04
CA GLU A 153 -34.95 15.78 8.99
C GLU A 153 -35.90 16.73 9.72
N MET A 154 -36.87 17.28 9.01
CA MET A 154 -37.83 18.18 9.63
C MET A 154 -38.63 17.41 10.70
N VAL A 155 -39.09 16.21 10.34
CA VAL A 155 -39.81 15.35 11.31
C VAL A 155 -38.94 14.97 12.51
N LEU A 156 -37.67 14.66 12.27
CA LEU A 156 -36.74 14.38 13.37
C LEU A 156 -36.65 15.56 14.37
N ARG A 157 -36.54 16.78 13.84
CA ARG A 157 -36.44 17.97 14.70
C ARG A 157 -37.76 18.14 15.49
N LEU A 158 -38.91 18.02 14.81
CA LEU A 158 -40.20 18.14 15.47
C LEU A 158 -40.35 17.08 16.57
N ARG A 159 -39.92 15.85 16.29
CA ARG A 159 -40.03 14.77 17.31
C ARG A 159 -39.15 15.04 18.54
N LYS A 160 -37.97 15.60 18.29
CA LYS A 160 -37.02 15.96 19.33
CA LYS A 160 -37.04 15.94 19.34
C LYS A 160 -37.63 17.06 20.21
N MET A 161 -38.23 18.04 19.57
CA MET A 161 -38.92 19.10 20.33
C MET A 161 -39.92 18.49 21.28
N GLN A 162 -40.73 17.53 20.80
CA GLN A 162 -41.65 16.77 21.65
C GLN A 162 -40.94 16.04 22.80
N ALA A 163 -39.79 15.45 22.50
CA ALA A 163 -39.02 14.71 23.51
C ALA A 163 -38.41 15.63 24.57
N LEU A 164 -38.16 16.89 24.21
CA LEU A 164 -37.63 17.90 25.17
C LEU A 164 -38.75 18.57 25.98
N GLY A 165 -39.98 18.19 25.69
CA GLY A 165 -41.16 18.66 26.43
C GLY A 165 -41.80 19.93 25.86
N ALA A 166 -41.45 20.31 24.63
CA ALA A 166 -42.11 21.44 23.99
C ALA A 166 -43.63 21.28 23.98
N ASP A 167 -44.34 22.34 24.32
CA ASP A 167 -45.78 22.29 24.30
C ASP A 167 -46.27 22.38 22.87
N ILE A 168 -45.56 23.16 22.05
CA ILE A 168 -45.87 23.33 20.65
C ILE A 168 -44.57 23.33 19.82
N PRO A 169 -44.24 22.21 19.17
CA PRO A 169 -43.13 22.21 18.22
C PRO A 169 -43.41 23.13 17.03
N LYS A 170 -42.38 23.81 16.57
CA LYS A 170 -42.52 24.79 15.49
C LYS A 170 -41.31 24.77 14.55
N ILE A 171 -41.59 24.66 13.24
CA ILE A 171 -40.54 24.77 12.25
C ILE A 171 -41.00 25.66 11.08
N ALA A 172 -40.09 26.50 10.61
CA ALA A 172 -40.32 27.36 9.43
C ALA A 172 -39.11 27.29 8.53
N VAL A 173 -39.32 27.06 7.24
CA VAL A 173 -38.21 26.84 6.32
C VAL A 173 -38.44 27.62 5.04
N MET A 174 -37.35 27.95 4.35
CA MET A 174 -37.41 28.73 3.11
C MET A 174 -37.44 27.78 1.90
N PRO A 175 -38.54 27.78 1.13
CA PRO A 175 -38.55 27.07 -0.15
C PRO A 175 -37.70 27.75 -1.20
N GLN A 176 -37.02 26.94 -2.00
CA GLN A 176 -36.23 27.39 -3.15
CA GLN A 176 -36.25 27.43 -3.17
C GLN A 176 -36.84 26.91 -4.48
N SER A 177 -37.98 26.23 -4.37
CA SER A 177 -38.76 25.68 -5.47
C SER A 177 -40.18 25.37 -4.93
N LYS A 178 -41.12 25.12 -5.82
CA LYS A 178 -42.45 24.68 -5.41
C LYS A 178 -42.41 23.28 -4.78
N HIS A 179 -41.50 22.44 -5.27
CA HIS A 179 -41.24 21.13 -4.66
C HIS A 179 -40.95 21.22 -3.14
N ASP A 180 -40.15 22.19 -2.75
CA ASP A 180 -39.82 22.40 -1.32
C ASP A 180 -41.07 22.66 -0.47
N VAL A 181 -42.06 23.30 -1.07
CA VAL A 181 -43.33 23.58 -0.41
C VAL A 181 -44.00 22.25 -0.08
N LEU A 182 -44.09 21.38 -1.08
CA LEU A 182 -44.64 20.05 -0.89
C LEU A 182 -43.88 19.26 0.17
N THR A 183 -42.55 19.37 0.17
CA THR A 183 -41.73 18.67 1.19
C THR A 183 -42.15 19.09 2.61
N LEU A 184 -42.33 20.38 2.79
CA LEU A 184 -42.74 20.92 4.11
C LEU A 184 -44.15 20.43 4.47
N LEU A 185 -45.07 20.45 3.51
CA LEU A 185 -46.41 19.93 3.75
C LEU A 185 -46.41 18.44 4.04
N THR A 186 -45.55 17.71 3.33
CA THR A 186 -45.42 16.27 3.54
C THR A 186 -44.93 15.94 4.97
N ALA A 187 -43.87 16.63 5.39
CA ALA A 187 -43.32 16.51 6.76
C ALA A 187 -44.37 16.86 7.82
N THR A 188 -45.16 17.89 7.56
CA THR A 188 -46.23 18.30 8.47
C THR A 188 -47.22 17.18 8.66
N LEU A 189 -47.68 16.59 7.55
CA LEU A 189 -48.63 15.50 7.61
C LEU A 189 -48.02 14.27 8.29
N GLU A 190 -46.76 13.98 7.97
CA GLU A 190 -46.10 12.79 8.55
C GLU A 190 -46.11 12.92 10.07
N MET A 191 -45.69 14.08 10.55
CA MET A 191 -45.77 14.39 11.96
C MET A 191 -47.20 14.22 12.49
N GLN A 192 -48.17 14.73 11.72
CA GLN A 192 -49.59 14.76 12.12
CA GLN A 192 -49.58 14.77 12.15
C GLN A 192 -50.20 13.38 12.30
N GLN A 193 -49.89 12.46 11.40
CA GLN A 193 -50.53 11.15 11.48
C GLN A 193 -49.77 10.12 12.31
N HIS A 194 -48.46 10.28 12.47
CA HIS A 194 -47.64 9.28 13.17
C HIS A 194 -47.13 9.66 14.55
N TYR A 195 -46.63 10.87 14.72
CA TYR A 195 -45.81 11.14 15.90
C TYR A 195 -46.38 12.15 16.86
N ALA A 196 -47.08 13.16 16.35
CA ALA A 196 -47.51 14.27 17.20
C ALA A 196 -48.58 13.83 18.20
N ASP A 197 -48.36 14.14 19.47
CA ASP A 197 -49.42 14.05 20.47
C ASP A 197 -49.68 15.42 21.07
N ARG A 198 -49.53 16.46 20.25
CA ARG A 198 -49.70 17.84 20.69
C ARG A 198 -49.61 18.75 19.47
N PRO A 199 -50.06 20.01 19.59
CA PRO A 199 -50.10 20.91 18.43
C PRO A 199 -48.69 21.15 17.90
N VAL A 200 -48.61 21.28 16.57
CA VAL A 200 -47.37 21.56 15.90
C VAL A 200 -47.66 22.70 14.93
N ILE A 201 -46.71 23.61 14.78
CA ILE A 201 -46.80 24.72 13.85
C ILE A 201 -45.76 24.49 12.75
N THR A 202 -46.18 24.54 11.49
CA THR A 202 -45.21 24.43 10.42
C THR A 202 -45.47 25.52 9.42
N MET A 203 -44.42 25.98 8.77
CA MET A 203 -44.59 26.94 7.68
CA MET A 203 -44.58 26.99 7.72
C MET A 203 -43.47 26.87 6.66
N SER A 204 -43.86 27.09 5.40
CA SER A 204 -42.94 27.28 4.31
C SER A 204 -43.03 28.78 4.07
N MET A 205 -41.90 29.47 4.14
CA MET A 205 -41.89 30.93 4.13
C MET A 205 -41.95 31.52 2.74
N ALA A 206 -41.98 32.84 2.67
CA ALA A 206 -41.93 33.61 1.41
C ALA A 206 -43.16 33.41 0.52
N LYS A 207 -43.14 33.99 -0.68
CA LYS A 207 -44.26 33.96 -1.60
C LYS A 207 -44.66 32.53 -2.01
N GLU A 208 -43.68 31.71 -2.36
CA GLU A 208 -43.92 30.33 -2.79
CA GLU A 208 -43.97 30.35 -2.82
C GLU A 208 -44.61 29.48 -1.73
N GLY A 209 -44.34 29.79 -0.46
CA GLY A 209 -44.83 28.95 0.64
C GLY A 209 -46.18 29.36 1.21
N VAL A 210 -46.79 30.38 0.61
CA VAL A 210 -48.02 30.97 1.10
C VAL A 210 -49.13 29.96 1.38
N ILE A 211 -49.29 28.99 0.50
CA ILE A 211 -50.33 27.98 0.69
C ILE A 211 -50.19 27.27 2.04
N SER A 212 -48.97 27.15 2.56
CA SER A 212 -48.75 26.50 3.86
C SER A 212 -49.31 27.33 5.01
N ARG A 213 -49.48 28.65 4.79
CA ARG A 213 -50.13 29.53 5.77
C ARG A 213 -51.63 29.38 5.77
N LEU A 214 -52.18 28.70 4.77
CA LEU A 214 -53.61 28.60 4.58
C LEU A 214 -54.18 27.22 4.90
N ALA A 215 -53.36 26.18 4.75
CA ALA A 215 -53.81 24.78 4.72
C ALA A 215 -53.53 24.02 6.02
N GLY A 216 -53.24 24.74 7.10
CA GLY A 216 -52.89 24.08 8.35
C GLY A 216 -53.92 23.12 8.90
N GLU A 217 -55.19 23.40 8.64
CA GLU A 217 -56.25 22.53 9.13
C GLU A 217 -56.17 21.20 8.40
N VAL A 218 -55.74 21.24 7.14
CA VAL A 218 -55.71 20.06 6.29
C VAL A 218 -54.53 19.16 6.65
N PHE A 219 -53.33 19.74 6.72
CA PHE A 219 -52.12 18.91 6.87
C PHE A 219 -51.55 18.82 8.28
N GLY A 220 -51.99 19.72 9.16
CA GLY A 220 -51.70 19.60 10.59
C GLY A 220 -50.81 20.67 11.21
N SER A 221 -50.98 21.91 10.76
CA SER A 221 -50.33 23.04 11.39
C SER A 221 -51.36 23.78 12.22
N ALA A 222 -51.06 23.96 13.51
CA ALA A 222 -52.02 24.49 14.48
C ALA A 222 -52.10 26.02 14.52
N ALA A 223 -51.12 26.71 13.97
CA ALA A 223 -51.18 28.18 13.90
C ALA A 223 -50.46 28.68 12.67
N THR A 224 -50.74 29.94 12.34
CA THR A 224 -50.24 30.59 11.14
C THR A 224 -50.02 32.09 11.50
N PHE A 225 -49.24 32.83 10.70
CA PHE A 225 -48.91 34.22 11.01
C PHE A 225 -49.55 35.15 10.01
N GLY A 226 -50.21 36.19 10.50
CA GLY A 226 -50.85 37.23 9.68
C GLY A 226 -50.23 38.60 9.88
N ALA A 227 -50.57 39.52 8.96
CA ALA A 227 -50.05 40.88 9.02
C ALA A 227 -51.10 41.85 9.53
N VAL A 228 -50.62 42.82 10.31
CA VAL A 228 -51.38 43.97 10.76
C VAL A 228 -51.01 45.20 9.89
N LYS A 229 -49.71 45.41 9.69
CA LYS A 229 -49.19 46.58 9.02
C LYS A 229 -49.39 46.47 7.51
N PRO A 234 -44.85 40.01 1.64
CA PRO A 234 -43.87 39.12 1.02
C PRO A 234 -44.07 37.67 1.50
N GLY A 235 -45.23 37.11 1.16
CA GLY A 235 -45.73 35.89 1.81
C GLY A 235 -46.71 36.27 2.90
N GLN A 236 -46.66 37.53 3.32
CA GLN A 236 -47.55 38.01 4.35
C GLN A 236 -48.98 38.13 3.80
N ILE A 237 -49.93 37.82 4.68
CA ILE A 237 -51.34 37.96 4.38
C ILE A 237 -51.99 38.82 5.48
N ALA A 238 -52.79 39.79 5.06
CA ALA A 238 -53.62 40.58 6.01
C ALA A 238 -54.50 39.70 6.90
N VAL A 239 -54.53 40.00 8.21
CA VAL A 239 -55.27 39.17 9.20
C VAL A 239 -56.72 38.88 8.86
N ASN A 240 -57.42 39.86 8.30
CA ASN A 240 -58.81 39.66 7.96
C ASN A 240 -58.92 38.70 6.78
N ASP A 241 -58.02 38.83 5.83
CA ASP A 241 -58.01 37.91 4.69
C ASP A 241 -57.65 36.48 5.14
N LEU A 242 -56.62 36.36 5.96
CA LEU A 242 -56.24 35.07 6.52
C LEU A 242 -57.47 34.45 7.20
N ARG A 243 -58.10 35.23 8.07
CA ARG A 243 -59.33 34.81 8.72
C ARG A 243 -60.36 34.30 7.69
N SER A 244 -60.57 35.08 6.62
CA SER A 244 -61.59 34.73 5.61
C SER A 244 -61.30 33.39 4.97
N VAL A 245 -60.04 33.21 4.58
CA VAL A 245 -59.62 31.98 3.93
C VAL A 245 -59.70 30.80 4.88
N LEU A 246 -59.24 30.95 6.11
CA LEU A 246 -59.31 29.81 7.03
C LEU A 246 -60.76 29.40 7.25
N MET A 247 -61.65 30.38 7.33
CA MET A 247 -63.09 30.12 7.50
C MET A 247 -63.70 29.42 6.29
N ILE A 248 -63.39 29.91 5.09
CA ILE A 248 -63.93 29.25 3.90
C ILE A 248 -63.49 27.77 3.80
N LEU A 249 -62.23 27.50 4.10
CA LEU A 249 -61.70 26.13 4.04
C LEU A 249 -62.35 25.26 5.13
N HIS A 250 -62.35 25.78 6.35
CA HIS A 250 -62.98 25.10 7.49
C HIS A 250 -64.42 24.68 7.21
N ASN A 251 -65.19 25.57 6.60
CA ASN A 251 -66.63 25.34 6.38
C ASN A 251 -66.96 24.48 5.15
N ALA A 252 -65.98 24.16 4.31
CA ALA A 252 -66.22 23.41 3.06
C ALA A 252 -66.86 22.03 3.28
N LYS B 2 -18.81 27.46 4.57
CA LYS B 2 -17.49 28.06 4.23
C LYS B 2 -16.35 27.12 4.61
N THR B 3 -15.23 27.31 3.92
CA THR B 3 -14.08 26.41 4.02
C THR B 3 -12.80 27.20 4.22
N VAL B 4 -11.75 26.49 4.63
CA VAL B 4 -10.46 27.09 4.88
C VAL B 4 -9.51 26.57 3.82
N THR B 5 -8.98 27.49 3.03
CA THR B 5 -8.06 27.15 1.98
C THR B 5 -6.65 27.58 2.37
N VAL B 6 -5.74 26.60 2.35
CA VAL B 6 -4.35 26.84 2.64
C VAL B 6 -3.54 26.32 1.46
N LYS B 7 -2.76 27.21 0.85
CA LYS B 7 -2.03 26.88 -0.37
C LYS B 7 -3.08 26.43 -1.42
N ASN B 8 -2.91 25.25 -2.02
CA ASN B 8 -3.90 24.77 -2.98
C ASN B 8 -4.87 23.76 -2.35
N LEU B 9 -4.76 23.58 -1.03
CA LEU B 9 -5.61 22.63 -0.33
C LEU B 9 -6.89 23.30 0.19
N ILE B 10 -8.05 22.71 -0.11
CA ILE B 10 -9.35 23.19 0.40
C ILE B 10 -9.88 22.28 1.53
N ILE B 11 -9.88 22.78 2.77
CA ILE B 11 -10.36 21.98 3.93
C ILE B 11 -11.84 22.22 4.18
N GLY B 12 -12.59 21.14 4.41
CA GLY B 12 -14.01 21.24 4.74
C GLY B 12 -14.94 20.76 3.63
N GLU B 13 -14.35 20.06 2.66
CA GLU B 13 -15.06 19.59 1.47
C GLU B 13 -14.34 18.39 0.89
N GLY B 14 -15.11 17.49 0.28
CA GLY B 14 -14.55 16.28 -0.30
C GLY B 14 -14.05 15.31 0.76
N MET B 15 -12.95 14.63 0.44
CA MET B 15 -12.38 13.68 1.38
CA MET B 15 -12.30 13.67 1.34
C MET B 15 -11.64 14.41 2.49
N PRO B 16 -11.72 13.87 3.71
CA PRO B 16 -10.96 14.48 4.77
C PRO B 16 -9.49 14.59 4.39
N LYS B 17 -8.87 15.71 4.79
CA LYS B 17 -7.48 15.96 4.50
C LYS B 17 -6.60 15.21 5.49
N ILE B 18 -5.44 14.76 5.01
CA ILE B 18 -4.53 13.99 5.83
C ILE B 18 -3.44 14.87 6.43
N ILE B 19 -3.42 14.94 7.75
CA ILE B 19 -2.41 15.66 8.49
C ILE B 19 -1.36 14.67 9.01
N VAL B 20 -0.10 15.07 9.02
CA VAL B 20 0.96 14.29 9.62
C VAL B 20 1.68 15.18 10.62
N SER B 21 2.12 14.60 11.74
CA SER B 21 2.79 15.35 12.78
C SER B 21 4.30 15.08 12.75
N LEU B 22 5.09 16.16 12.75
CA LEU B 22 6.55 16.08 12.73
C LEU B 22 7.07 16.42 14.12
N MET B 23 7.98 15.59 14.62
CA MET B 23 8.46 15.69 16.02
C MET B 23 9.98 15.67 16.12
N GLY B 24 10.59 16.84 16.22
CA GLY B 24 12.02 16.94 16.46
C GLY B 24 12.37 17.40 17.87
N ARG B 25 13.45 16.81 18.38
CA ARG B 25 14.03 17.10 19.68
C ARG B 25 14.86 18.38 19.61
N ASP B 26 15.53 18.54 18.48
CA ASP B 26 16.55 19.56 18.25
C ASP B 26 16.55 19.88 16.75
N ILE B 27 17.39 20.83 16.32
CA ILE B 27 17.36 21.33 14.95
C ILE B 27 17.72 20.24 13.92
N ASN B 28 18.70 19.42 14.27
CA ASN B 28 19.14 18.34 13.38
C ASN B 28 18.13 17.19 13.24
N SER B 29 17.38 16.91 14.30
CA SER B 29 16.33 15.87 14.26
C SER B 29 15.14 16.37 13.44
N VAL B 30 14.70 17.59 13.75
CA VAL B 30 13.74 18.29 12.89
C VAL B 30 14.16 18.21 11.40
N LYS B 31 15.45 18.41 11.10
CA LYS B 31 15.94 18.43 9.71
C LYS B 31 15.86 17.03 9.06
N ALA B 32 16.22 16.00 9.83
CA ALA B 32 16.13 14.60 9.41
C ALA B 32 14.68 14.12 9.23
N GLU B 33 13.81 14.55 10.14
CA GLU B 33 12.38 14.29 9.99
C GLU B 33 11.82 15.00 8.76
N ALA B 34 12.22 16.24 8.53
CA ALA B 34 11.81 16.99 7.35
C ALA B 34 12.28 16.28 6.07
N LEU B 35 13.51 15.76 6.10
CA LEU B 35 14.05 14.96 5.02
C LEU B 35 13.23 13.69 4.80
N ALA B 36 12.88 13.03 5.90
CA ALA B 36 12.11 11.78 5.84
C ALA B 36 10.65 11.99 5.39
N TYR B 37 10.23 13.25 5.21
CA TYR B 37 8.80 13.59 5.08
C TYR B 37 8.30 14.09 3.70
N ARG B 38 9.15 14.33 2.69
CA ARG B 38 8.60 14.83 1.39
C ARG B 38 8.59 13.83 0.21
N GLU B 39 9.15 12.64 0.39
CA GLU B 39 8.79 11.54 -0.51
C GLU B 39 7.39 11.06 -0.13
N ALA B 40 6.94 11.44 1.06
CA ALA B 40 5.59 11.15 1.52
C ALA B 40 4.58 12.14 0.94
N THR B 41 3.36 11.64 0.77
CA THR B 41 2.25 12.39 0.20
C THR B 41 1.18 12.49 1.26
N PHE B 42 0.88 13.73 1.63
CA PHE B 42 -0.11 14.03 2.66
C PHE B 42 -0.48 15.47 2.44
N ASP B 43 -1.55 15.91 3.10
CA ASP B 43 -2.12 17.23 2.80
C ASP B 43 -1.59 18.38 3.66
N ILE B 44 -1.35 18.13 4.94
CA ILE B 44 -0.98 19.17 5.90
C ILE B 44 0.14 18.64 6.79
N LEU B 45 1.16 19.47 6.98
CA LEU B 45 2.25 19.17 7.91
C LEU B 45 1.96 19.89 9.23
N GLU B 46 1.83 19.11 10.32
CA GLU B 46 1.80 19.68 11.66
C GLU B 46 3.17 19.53 12.29
N TRP B 47 3.75 20.65 12.71
CA TRP B 47 4.95 20.62 13.52
C TRP B 47 4.56 20.65 14.98
N ARG B 48 4.83 19.55 15.67
CA ARG B 48 4.60 19.47 17.10
C ARG B 48 5.76 20.10 17.86
N VAL B 49 5.60 21.39 18.12
CA VAL B 49 6.66 22.20 18.71
C VAL B 49 6.97 21.78 20.14
N ASP B 50 5.99 21.17 20.82
CA ASP B 50 6.24 20.82 22.23
C ASP B 50 7.29 19.71 22.40
N HIS B 51 7.60 18.96 21.33
CA HIS B 51 8.72 18.02 21.38
C HIS B 51 10.10 18.70 21.33
N PHE B 52 10.13 19.96 20.87
CA PHE B 52 11.38 20.72 20.70
C PHE B 52 11.91 21.15 22.07
N MET B 53 13.15 20.79 22.37
CA MET B 53 13.74 21.04 23.70
CA MET B 53 13.72 21.05 23.70
C MET B 53 14.11 22.51 23.90
N ASP B 54 14.71 23.14 22.89
CA ASP B 54 15.18 24.53 23.03
C ASP B 54 13.99 25.49 22.90
N ILE B 55 12.95 25.25 23.67
CA ILE B 55 11.68 26.01 23.51
CA ILE B 55 11.66 25.95 23.59
C ILE B 55 11.70 27.41 24.07
N ALA B 56 12.59 27.68 25.02
CA ALA B 56 12.71 29.01 25.63
C ALA B 56 13.31 30.00 24.64
N SER B 57 14.05 29.50 23.66
CA SER B 57 14.61 30.35 22.62
C SER B 57 13.71 30.46 21.38
N THR B 58 13.07 31.62 21.26
CA THR B 58 12.21 31.92 20.13
C THR B 58 13.00 31.84 18.82
N GLN B 59 14.27 32.28 18.86
CA GLN B 59 15.20 32.22 17.72
CA GLN B 59 15.12 32.21 17.69
C GLN B 59 15.42 30.78 17.27
N SER B 60 15.61 29.89 18.24
CA SER B 60 15.87 28.50 17.94
C SER B 60 14.64 27.85 17.34
N VAL B 61 13.47 28.21 17.88
CA VAL B 61 12.21 27.69 17.35
C VAL B 61 12.01 28.13 15.90
N LEU B 62 12.26 29.40 15.60
CA LEU B 62 12.12 29.88 14.21
C LEU B 62 13.18 29.25 13.29
N THR B 63 14.39 29.03 13.82
CA THR B 63 15.43 28.32 13.08
C THR B 63 14.93 26.92 12.70
N ALA B 64 14.32 26.23 13.66
CA ALA B 64 13.69 24.94 13.37
C ALA B 64 12.59 25.02 12.31
N ALA B 65 11.72 26.04 12.41
CA ALA B 65 10.67 26.28 11.42
C ALA B 65 11.25 26.52 10.03
N ARG B 66 12.31 27.33 9.95
CA ARG B 66 12.98 27.59 8.67
C ARG B 66 13.59 26.31 8.09
N VAL B 67 14.13 25.44 8.95
CA VAL B 67 14.59 24.12 8.53
C VAL B 67 13.47 23.32 7.87
N ILE B 68 12.28 23.32 8.48
CA ILE B 68 11.16 22.60 7.90
C ILE B 68 10.74 23.19 6.55
N ARG B 69 10.72 24.52 6.47
CA ARG B 69 9.94 25.24 5.44
C ARG B 69 10.62 25.26 4.08
N ASP B 70 11.95 25.21 4.07
CA ASP B 70 12.69 25.11 2.82
CA ASP B 70 12.70 25.12 2.82
C ASP B 70 12.67 23.68 2.29
N ALA B 71 12.68 22.71 3.21
CA ALA B 71 12.61 21.28 2.86
C ALA B 71 11.25 20.93 2.28
N MET B 72 10.20 21.59 2.77
CA MET B 72 8.85 21.54 2.19
C MET B 72 8.30 22.97 2.07
N PRO B 73 8.43 23.59 0.88
CA PRO B 73 7.93 24.98 0.70
C PRO B 73 6.44 25.11 0.35
N ASP B 74 5.89 24.17 -0.43
CA ASP B 74 4.52 24.31 -0.94
C ASP B 74 3.45 23.69 -0.04
N ILE B 75 3.88 23.04 1.05
CA ILE B 75 2.98 22.33 1.94
C ILE B 75 2.32 23.29 2.94
N PRO B 76 1.01 23.12 3.19
CA PRO B 76 0.41 23.77 4.36
C PRO B 76 1.15 23.36 5.62
N LEU B 77 1.56 24.35 6.43
CA LEU B 77 2.30 24.12 7.67
C LEU B 77 1.52 24.63 8.87
N LEU B 78 1.22 23.73 9.80
CA LEU B 78 0.52 24.04 11.04
C LEU B 78 1.48 24.00 12.21
N PHE B 79 1.55 25.10 12.96
CA PHE B 79 2.44 25.27 14.12
C PHE B 79 1.68 24.93 15.38
N THR B 80 2.03 23.81 16.06
CA THR B 80 1.29 23.33 17.21
C THR B 80 2.16 23.08 18.43
N PHE B 81 2.01 23.94 19.44
CA PHE B 81 2.49 23.62 20.80
C PHE B 81 1.37 22.99 21.58
N ARG B 82 1.46 21.67 21.83
CA ARG B 82 0.49 20.95 22.66
C ARG B 82 1.05 20.93 24.09
N SER B 83 0.31 21.52 25.02
CA SER B 83 0.70 21.53 26.44
C SER B 83 0.61 20.11 27.02
N ALA B 84 1.51 19.78 27.95
CA ALA B 84 1.39 18.53 28.72
C ALA B 84 -0.02 18.28 29.17
N LYS B 85 -0.62 19.30 29.81
CA LYS B 85 -2.02 19.24 30.27
C LYS B 85 -2.92 18.55 29.24
N GLU B 86 -2.76 18.91 27.98
CA GLU B 86 -3.57 18.34 26.91
C GLU B 86 -2.86 17.22 26.14
N GLY B 87 -1.83 16.64 26.74
CA GLY B 87 -1.14 15.49 26.20
C GLY B 87 0.21 15.71 25.55
N GLY B 88 0.73 16.94 25.64
CA GLY B 88 2.01 17.29 25.04
C GLY B 88 3.21 16.92 25.90
N GLU B 89 4.39 17.34 25.45
CA GLU B 89 5.66 16.82 25.99
C GLU B 89 6.21 17.67 27.12
N GLN B 90 5.64 18.86 27.28
CA GLN B 90 6.14 19.81 28.28
C GLN B 90 5.16 20.94 28.52
N THR B 91 5.53 21.77 29.50
CA THR B 91 4.76 22.93 29.88
C THR B 91 5.63 24.17 29.76
N ILE B 92 5.03 25.24 29.23
CA ILE B 92 5.64 26.57 29.22
C ILE B 92 4.62 27.53 29.81
N THR B 93 5.08 28.74 30.15
CA THR B 93 4.17 29.77 30.62
C THR B 93 3.22 30.20 29.50
N THR B 94 2.03 30.62 29.90
CA THR B 94 1.03 31.18 29.03
C THR B 94 1.62 32.32 28.21
N GLN B 95 2.47 33.13 28.82
CA GLN B 95 3.09 34.24 28.12
C GLN B 95 4.06 33.78 27.03
N HIS B 96 4.87 32.77 27.32
CA HIS B 96 5.82 32.26 26.32
C HIS B 96 5.08 31.56 25.17
N TYR B 97 4.02 30.83 25.51
CA TYR B 97 3.13 30.21 24.54
C TYR B 97 2.58 31.25 23.55
N LEU B 98 2.15 32.40 24.06
CA LEU B 98 1.66 33.45 23.18
C LEU B 98 2.80 34.04 22.37
N THR B 99 3.93 34.27 23.02
CA THR B 99 5.13 34.75 22.35
C THR B 99 5.56 33.82 21.19
N LEU B 100 5.62 32.52 21.44
CA LEU B 100 6.01 31.58 20.37
C LEU B 100 5.02 31.61 19.21
N ASN B 101 3.73 31.63 19.56
CA ASN B 101 2.71 31.63 18.55
C ASN B 101 2.71 32.94 17.77
N ARG B 102 2.90 34.08 18.45
CA ARG B 102 3.00 35.36 17.73
C ARG B 102 4.22 35.41 16.83
N ALA B 103 5.34 34.86 17.30
CA ALA B 103 6.57 34.78 16.49
C ALA B 103 6.33 33.96 15.23
N ALA B 104 5.67 32.82 15.39
CA ALA B 104 5.32 31.96 14.26
C ALA B 104 4.52 32.75 13.26
N ILE B 105 3.51 33.47 13.75
CA ILE B 105 2.65 34.29 12.90
C ILE B 105 3.48 35.35 12.18
N ASP B 106 4.34 36.05 12.91
CA ASP B 106 5.18 37.10 12.34
C ASP B 106 6.11 36.62 11.24
N SER B 107 6.56 35.38 11.35
CA SER B 107 7.63 34.84 10.50
C SER B 107 7.24 34.72 9.02
N GLY B 108 5.93 34.58 8.76
CA GLY B 108 5.40 34.20 7.43
C GLY B 108 5.62 32.74 7.03
N LEU B 109 6.26 31.95 7.89
CA LEU B 109 6.70 30.59 7.57
C LEU B 109 5.57 29.59 7.75
N VAL B 110 4.61 29.92 8.61
CA VAL B 110 3.52 29.02 8.88
C VAL B 110 2.21 29.53 8.31
N ASP B 111 1.38 28.60 7.87
CA ASP B 111 0.06 28.91 7.34
C ASP B 111 -1.05 28.92 8.37
N MET B 112 -0.84 28.18 9.46
CA MET B 112 -1.83 28.01 10.50
C MET B 112 -1.13 27.83 11.85
N ILE B 113 -1.77 28.31 12.91
CA ILE B 113 -1.33 27.95 14.26
C ILE B 113 -2.43 27.20 14.99
N ASP B 114 -2.00 26.35 15.91
CA ASP B 114 -2.90 25.74 16.88
C ASP B 114 -2.98 26.69 18.09
N LEU B 115 -4.18 26.83 18.64
CA LEU B 115 -4.43 27.64 19.83
C LEU B 115 -5.37 26.82 20.72
N GLU B 116 -4.93 26.40 21.89
CA GLU B 116 -5.80 25.62 22.78
C GLU B 116 -6.95 26.45 23.36
N LEU B 117 -8.16 25.90 23.27
CA LEU B 117 -9.37 26.57 23.76
C LEU B 117 -9.20 27.11 25.19
N PHE B 118 -8.68 26.28 26.07
CA PHE B 118 -8.69 26.60 27.50
C PHE B 118 -7.45 27.33 27.97
N THR B 119 -6.67 27.86 27.02
CA THR B 119 -5.61 28.80 27.36
C THR B 119 -6.19 29.97 28.14
N GLY B 120 -7.35 30.47 27.71
CA GLY B 120 -8.04 31.60 28.36
C GLY B 120 -8.67 32.53 27.34
N ASP B 121 -9.96 32.83 27.53
CA ASP B 121 -10.80 33.53 26.55
C ASP B 121 -10.22 34.84 26.01
N ALA B 122 -9.62 35.63 26.89
CA ALA B 122 -9.05 36.91 26.51
C ALA B 122 -7.77 36.76 25.69
N ASP B 123 -6.86 35.90 26.17
CA ASP B 123 -5.60 35.61 25.46
C ASP B 123 -5.87 34.90 24.10
N VAL B 124 -6.84 34.00 24.07
CA VAL B 124 -7.22 33.35 22.82
C VAL B 124 -7.77 34.38 21.86
N LYS B 125 -8.72 35.19 22.29
CA LYS B 125 -9.29 36.21 21.41
C LYS B 125 -8.23 37.13 20.82
N ALA B 126 -7.28 37.56 21.64
CA ALA B 126 -6.24 38.47 21.20
C ALA B 126 -5.40 37.79 20.12
N THR B 127 -5.05 36.53 20.34
CA THR B 127 -4.17 35.82 19.42
C THR B 127 -4.83 35.39 18.11
N VAL B 128 -6.14 35.14 18.13
CA VAL B 128 -6.93 34.89 16.92
C VAL B 128 -6.94 36.16 16.05
N ASP B 129 -7.29 37.28 16.68
CA ASP B 129 -7.25 38.59 15.98
C ASP B 129 -5.88 38.91 15.40
N TYR B 130 -4.83 38.55 16.13
CA TYR B 130 -3.45 38.73 15.66
C TYR B 130 -3.12 37.83 14.45
N ALA B 131 -3.41 36.54 14.58
CA ALA B 131 -3.25 35.60 13.47
C ALA B 131 -3.93 36.17 12.24
N HIS B 132 -5.17 36.57 12.41
CA HIS B 132 -5.99 37.06 11.30
C HIS B 132 -5.48 38.34 10.66
N ALA B 133 -4.89 39.24 11.46
CA ALA B 133 -4.29 40.46 10.90
C ALA B 133 -3.07 40.18 10.03
N HIS B 134 -2.49 38.98 10.20
CA HIS B 134 -1.30 38.55 9.47
C HIS B 134 -1.62 37.41 8.47
N ASN B 135 -2.91 37.19 8.20
CA ASN B 135 -3.39 36.18 7.25
C ASN B 135 -2.98 34.75 7.59
N VAL B 136 -2.93 34.47 8.88
CA VAL B 136 -2.59 33.15 9.37
C VAL B 136 -3.86 32.58 9.99
N TYR B 137 -4.16 31.31 9.68
CA TYR B 137 -5.36 30.67 10.15
C TYR B 137 -5.15 30.04 11.51
N VAL B 138 -6.25 29.85 12.23
CA VAL B 138 -6.20 29.26 13.57
C VAL B 138 -7.00 27.97 13.63
N VAL B 139 -6.32 26.89 13.99
CA VAL B 139 -6.98 25.64 14.37
C VAL B 139 -7.05 25.75 15.87
N MET B 140 -8.25 25.74 16.43
CA MET B 140 -8.39 25.86 17.87
C MET B 140 -8.70 24.49 18.43
N SER B 141 -7.99 24.08 19.46
CA SER B 141 -7.98 22.70 19.85
C SER B 141 -8.36 22.50 21.30
N ASN B 142 -8.93 21.35 21.56
CA ASN B 142 -9.11 20.85 22.90
C ASN B 142 -8.88 19.36 22.86
N HIS B 143 -7.92 18.87 23.65
CA HIS B 143 -7.65 17.42 23.75
C HIS B 143 -7.94 16.96 25.18
N ASP B 144 -8.61 15.83 25.31
CA ASP B 144 -8.67 15.11 26.59
C ASP B 144 -8.06 13.75 26.37
N PHE B 145 -6.90 13.54 26.96
CA PHE B 145 -6.11 12.33 26.72
C PHE B 145 -6.44 11.23 27.72
N HIS B 146 -7.39 11.48 28.60
CA HIS B 146 -7.76 10.51 29.65
C HIS B 146 -9.16 9.93 29.45
N GLN B 147 -10.06 10.72 28.85
CA GLN B 147 -11.45 10.32 28.75
C GLN B 147 -12.24 11.14 27.74
N THR B 148 -13.48 10.69 27.50
CA THR B 148 -14.35 11.31 26.53
C THR B 148 -15.51 12.02 27.22
N PRO B 149 -15.55 13.37 27.17
CA PRO B 149 -16.68 14.15 27.69
C PRO B 149 -18.01 13.76 27.03
N SER B 150 -19.12 14.23 27.59
CA SER B 150 -20.42 13.92 27.01
C SER B 150 -20.51 14.53 25.62
N ALA B 151 -21.44 14.02 24.81
CA ALA B 151 -21.69 14.55 23.48
C ALA B 151 -22.03 16.06 23.50
N GLU B 152 -22.97 16.46 24.34
CA GLU B 152 -23.39 17.86 24.39
CA GLU B 152 -23.39 17.87 24.37
C GLU B 152 -22.22 18.77 24.79
N GLU B 153 -21.42 18.30 25.75
CA GLU B 153 -20.26 19.05 26.23
C GLU B 153 -19.24 19.28 25.13
N MET B 154 -19.00 18.26 24.31
CA MET B 154 -18.04 18.38 23.23
C MET B 154 -18.58 19.37 22.21
N VAL B 155 -19.87 19.29 21.93
CA VAL B 155 -20.54 20.25 21.07
C VAL B 155 -20.43 21.68 21.64
N LEU B 156 -20.70 21.80 22.95
CA LEU B 156 -20.52 23.08 23.65
C LEU B 156 -19.12 23.65 23.40
N ARG B 157 -18.08 22.83 23.55
CA ARG B 157 -16.70 23.31 23.35
C ARG B 157 -16.44 23.73 21.89
N LEU B 158 -16.87 22.92 20.94
CA LEU B 158 -16.69 23.22 19.52
C LEU B 158 -17.42 24.51 19.16
N ARG B 159 -18.60 24.70 19.72
CA ARG B 159 -19.36 25.92 19.46
C ARG B 159 -18.64 27.16 20.05
N LYS B 160 -17.99 26.98 21.20
CA LYS B 160 -17.21 28.06 21.81
C LYS B 160 -16.02 28.46 20.93
N MET B 161 -15.36 27.47 20.34
CA MET B 161 -14.25 27.75 19.43
C MET B 161 -14.73 28.59 18.23
N GLN B 162 -15.90 28.25 17.68
CA GLN B 162 -16.52 29.07 16.63
C GLN B 162 -16.81 30.47 17.14
N ALA B 163 -17.35 30.56 18.34
CA ALA B 163 -17.62 31.85 18.99
C ALA B 163 -16.36 32.71 19.10
N LEU B 164 -15.25 32.09 19.52
CA LEU B 164 -13.95 32.74 19.62
C LEU B 164 -13.25 32.99 18.27
N GLY B 165 -13.83 32.53 17.16
CA GLY B 165 -13.33 32.91 15.83
C GLY B 165 -12.36 31.90 15.22
N ALA B 166 -12.31 30.70 15.78
CA ALA B 166 -11.44 29.66 15.23
C ALA B 166 -11.79 29.43 13.76
N ASP B 167 -10.77 29.31 12.92
CA ASP B 167 -11.03 28.93 11.53
C ASP B 167 -11.44 27.45 11.49
N ILE B 168 -10.83 26.63 12.33
CA ILE B 168 -11.13 25.19 12.36
C ILE B 168 -11.13 24.70 13.81
N PRO B 169 -12.33 24.63 14.42
CA PRO B 169 -12.49 23.99 15.71
C PRO B 169 -12.02 22.53 15.65
N LYS B 170 -11.33 22.07 16.68
CA LYS B 170 -10.82 20.72 16.71
C LYS B 170 -10.92 20.13 18.09
N ILE B 171 -11.33 18.89 18.18
CA ILE B 171 -11.36 18.21 19.48
C ILE B 171 -10.88 16.79 19.31
N ALA B 172 -10.06 16.33 20.26
CA ALA B 172 -9.53 14.96 20.28
C ALA B 172 -9.72 14.38 21.66
N VAL B 173 -10.44 13.27 21.76
CA VAL B 173 -10.74 12.67 23.07
C VAL B 173 -10.31 11.22 23.15
N MET B 174 -9.97 10.76 24.36
CA MET B 174 -9.58 9.39 24.57
C MET B 174 -10.81 8.54 24.91
N PRO B 175 -11.08 7.49 24.10
CA PRO B 175 -12.17 6.61 24.46
C PRO B 175 -11.73 5.65 25.58
N GLN B 176 -12.68 5.30 26.44
CA GLN B 176 -12.50 4.30 27.48
C GLN B 176 -13.29 3.03 27.14
N SER B 177 -14.49 3.24 26.62
CA SER B 177 -15.35 2.18 26.12
C SER B 177 -15.55 2.38 24.62
N LYS B 178 -16.07 1.36 23.93
CA LYS B 178 -16.51 1.52 22.53
C LYS B 178 -17.64 2.53 22.47
N HIS B 179 -18.48 2.52 23.51
CA HIS B 179 -19.54 3.49 23.65
C HIS B 179 -19.02 4.94 23.53
N ASP B 180 -17.85 5.19 24.09
CA ASP B 180 -17.24 6.52 24.00
C ASP B 180 -16.94 6.92 22.57
N VAL B 181 -16.70 5.94 21.70
CA VAL B 181 -16.39 6.26 20.31
C VAL B 181 -17.67 6.73 19.61
N LEU B 182 -18.78 6.06 19.87
CA LEU B 182 -20.08 6.53 19.33
C LEU B 182 -20.46 7.93 19.84
N THR B 183 -20.09 8.24 21.07
CA THR B 183 -20.33 9.56 21.63
C THR B 183 -19.62 10.64 20.80
N LEU B 184 -18.38 10.35 20.42
CA LEU B 184 -17.56 11.26 19.61
C LEU B 184 -18.16 11.43 18.21
N LEU B 185 -18.50 10.32 17.54
CA LEU B 185 -19.17 10.38 16.23
C LEU B 185 -20.49 11.14 16.31
N THR B 186 -21.22 10.89 17.39
CA THR B 186 -22.50 11.58 17.63
C THR B 186 -22.35 13.09 17.74
N ALA B 187 -21.46 13.53 18.62
CA ALA B 187 -21.12 14.97 18.74
C ALA B 187 -20.64 15.55 17.43
N THR B 188 -19.88 14.79 16.66
CA THR B 188 -19.35 15.32 15.39
C THR B 188 -20.50 15.64 14.45
N LEU B 189 -21.43 14.70 14.31
CA LEU B 189 -22.60 14.86 13.48
C LEU B 189 -23.50 16.02 13.94
N GLU B 190 -23.72 16.12 15.25
CA GLU B 190 -24.54 17.22 15.79
CA GLU B 190 -24.50 17.23 15.84
C GLU B 190 -23.92 18.56 15.43
N MET B 191 -22.62 18.69 15.64
CA MET B 191 -21.90 19.91 15.35
C MET B 191 -22.02 20.21 13.87
N GLN B 192 -21.67 19.23 13.06
CA GLN B 192 -21.69 19.32 11.61
C GLN B 192 -23.03 19.82 11.08
N GLN B 193 -24.10 19.18 11.54
CA GLN B 193 -25.42 19.32 10.92
C GLN B 193 -26.23 20.48 11.46
N HIS B 194 -25.88 20.97 12.66
CA HIS B 194 -26.76 21.92 13.36
C HIS B 194 -26.07 23.17 13.89
N TYR B 195 -24.74 23.16 14.00
CA TYR B 195 -24.05 24.28 14.63
C TYR B 195 -22.88 24.79 13.83
N ALA B 196 -22.24 23.92 13.05
CA ALA B 196 -21.04 24.34 12.34
C ALA B 196 -21.40 25.26 11.18
N ASP B 197 -20.58 26.28 10.97
CA ASP B 197 -20.59 27.07 9.74
C ASP B 197 -19.18 27.17 9.18
N ARG B 198 -18.31 26.26 9.60
CA ARG B 198 -16.96 26.17 9.06
C ARG B 198 -16.49 24.74 9.29
N PRO B 199 -15.30 24.41 8.78
CA PRO B 199 -14.84 23.03 8.95
C PRO B 199 -14.54 22.71 10.42
N VAL B 200 -14.74 21.45 10.80
CA VAL B 200 -14.46 20.95 12.15
C VAL B 200 -13.69 19.64 12.04
N ILE B 201 -12.75 19.43 12.96
CA ILE B 201 -11.96 18.21 12.99
C ILE B 201 -12.27 17.55 14.33
N THR B 202 -12.62 16.26 14.30
CA THR B 202 -12.77 15.47 15.53
C THR B 202 -12.03 14.17 15.40
N MET B 203 -11.67 13.61 16.56
CA MET B 203 -11.06 12.30 16.60
CA MET B 203 -10.97 12.34 16.62
C MET B 203 -11.24 11.66 17.97
N SER B 204 -11.52 10.36 17.93
CA SER B 204 -11.47 9.49 19.10
C SER B 204 -10.11 8.81 18.99
N MET B 205 -9.29 8.94 20.04
CA MET B 205 -7.90 8.52 19.95
C MET B 205 -7.70 7.00 20.14
N ALA B 206 -6.47 6.55 19.94
CA ALA B 206 -6.05 5.17 20.25
C ALA B 206 -6.63 4.13 19.28
N LYS B 207 -6.21 2.89 19.48
CA LYS B 207 -6.76 1.71 18.79
C LYS B 207 -8.28 1.75 18.68
N GLU B 208 -8.93 1.88 19.83
CA GLU B 208 -10.39 1.79 19.88
C GLU B 208 -11.11 2.89 19.12
N GLY B 209 -10.44 4.02 18.89
CA GLY B 209 -11.06 5.16 18.25
C GLY B 209 -10.77 5.23 16.76
N VAL B 210 -10.10 4.20 16.22
CA VAL B 210 -9.59 4.26 14.84
C VAL B 210 -10.67 4.48 13.79
N ILE B 211 -11.87 3.94 14.00
CA ILE B 211 -12.94 4.18 13.03
C ILE B 211 -13.18 5.68 12.79
N SER B 212 -12.90 6.51 13.80
CA SER B 212 -13.13 7.97 13.70
C SER B 212 -12.09 8.62 12.79
N ARG B 213 -10.95 7.95 12.64
CA ARG B 213 -9.94 8.33 11.65
C ARG B 213 -10.43 8.10 10.21
N LEU B 214 -11.49 7.29 10.08
CA LEU B 214 -11.97 6.77 8.78
C LEU B 214 -13.37 7.23 8.36
N ALA B 215 -14.22 7.69 9.29
CA ALA B 215 -15.60 8.07 8.96
C ALA B 215 -15.87 9.58 8.93
N GLY B 216 -14.83 10.40 8.87
CA GLY B 216 -14.99 11.84 8.94
C GLY B 216 -15.77 12.45 7.79
N GLU B 217 -15.71 11.82 6.62
CA GLU B 217 -16.58 12.23 5.54
C GLU B 217 -18.04 11.99 5.90
N VAL B 218 -18.29 10.92 6.66
CA VAL B 218 -19.66 10.51 6.96
C VAL B 218 -20.24 11.36 8.07
N PHE B 219 -19.57 11.42 9.22
CA PHE B 219 -20.12 12.11 10.40
C PHE B 219 -19.65 13.54 10.60
N GLY B 220 -18.69 13.97 9.78
CA GLY B 220 -18.41 15.40 9.55
C GLY B 220 -17.10 15.94 10.08
N SER B 221 -16.04 15.11 10.08
CA SER B 221 -14.69 15.57 10.42
C SER B 221 -13.92 15.87 9.13
N ALA B 222 -13.31 17.06 9.06
CA ALA B 222 -12.74 17.55 7.81
C ALA B 222 -11.27 17.16 7.62
N ALA B 223 -10.65 16.56 8.65
CA ALA B 223 -9.29 16.13 8.54
C ALA B 223 -9.05 15.03 9.54
N THR B 224 -7.97 14.32 9.31
CA THR B 224 -7.60 13.16 10.08
C THR B 224 -6.08 13.08 10.12
N PHE B 225 -5.55 12.21 10.98
CA PHE B 225 -4.11 12.07 11.13
C PHE B 225 -3.60 10.72 10.70
N GLY B 226 -2.56 10.74 9.86
CA GLY B 226 -1.82 9.56 9.43
C GLY B 226 -0.36 9.59 9.85
N ALA B 227 0.33 8.48 9.61
CA ALA B 227 1.73 8.33 9.99
C ALA B 227 2.60 8.16 8.76
N VAL B 228 3.77 8.77 8.81
CA VAL B 228 4.80 8.55 7.82
C VAL B 228 5.55 7.28 8.23
N LYS B 229 5.76 7.14 9.54
CA LYS B 229 6.36 5.95 10.17
C LYS B 229 7.83 5.73 9.79
N PRO B 234 -0.50 1.96 18.43
CA PRO B 234 -1.93 1.69 18.45
C PRO B 234 -2.73 2.91 18.01
N GLY B 235 -3.65 2.73 17.06
CA GLY B 235 -4.47 3.83 16.56
C GLY B 235 -3.94 4.44 15.29
N GLN B 236 -2.62 4.43 15.11
CA GLN B 236 -2.04 5.12 13.97
C GLN B 236 -2.06 4.26 12.71
N ILE B 237 -2.28 4.93 11.57
CA ILE B 237 -2.32 4.30 10.26
C ILE B 237 -1.39 5.08 9.33
N ALA B 238 -0.55 4.36 8.61
CA ALA B 238 0.31 4.95 7.58
C ALA B 238 -0.52 5.74 6.58
N VAL B 239 0.05 6.83 6.08
CA VAL B 239 -0.69 7.73 5.18
C VAL B 239 -1.22 7.07 3.90
N ASN B 240 -0.44 6.16 3.33
CA ASN B 240 -0.87 5.41 2.16
C ASN B 240 -2.13 4.56 2.42
N ASP B 241 -2.14 3.83 3.53
CA ASP B 241 -3.29 3.05 3.93
C ASP B 241 -4.46 3.97 4.21
N LEU B 242 -4.21 5.03 4.94
CA LEU B 242 -5.25 5.98 5.27
C LEU B 242 -5.90 6.55 4.00
N ARG B 243 -5.07 6.99 3.06
CA ARG B 243 -5.59 7.47 1.77
C ARG B 243 -6.48 6.40 1.14
N SER B 244 -6.02 5.15 1.15
CA SER B 244 -6.79 4.06 0.53
C SER B 244 -8.18 3.91 1.13
N VAL B 245 -8.26 3.95 2.45
CA VAL B 245 -9.56 3.75 3.09
C VAL B 245 -10.47 4.95 2.81
N LEU B 246 -9.92 6.15 2.97
CA LEU B 246 -10.70 7.34 2.70
C LEU B 246 -11.29 7.28 1.27
N MET B 247 -10.46 6.87 0.31
CA MET B 247 -10.90 6.79 -1.08
CA MET B 247 -10.87 6.77 -1.09
C MET B 247 -11.99 5.75 -1.25
N ILE B 248 -11.83 4.59 -0.62
CA ILE B 248 -12.84 3.54 -0.73
C ILE B 248 -14.21 3.98 -0.18
N LEU B 249 -14.18 4.63 0.99
CA LEU B 249 -15.38 5.17 1.58
C LEU B 249 -15.97 6.25 0.71
N HIS B 250 -15.12 7.20 0.33
CA HIS B 250 -15.55 8.32 -0.51
C HIS B 250 -16.25 7.86 -1.81
N ASN B 251 -15.70 6.82 -2.44
CA ASN B 251 -16.18 6.34 -3.73
C ASN B 251 -17.24 5.25 -3.68
N ALA B 252 -17.76 4.92 -2.50
CA ALA B 252 -18.85 3.95 -2.40
C ALA B 252 -20.10 4.50 -3.10
N MET C 1 22.36 4.86 -7.25
CA MET C 1 21.52 3.71 -6.81
C MET C 1 20.06 3.87 -7.21
N LYS C 2 19.69 3.29 -8.34
CA LYS C 2 18.28 3.20 -8.71
C LYS C 2 17.59 2.42 -7.59
N THR C 3 16.32 2.73 -7.32
CA THR C 3 15.53 1.94 -6.37
C THR C 3 14.34 1.34 -7.11
N VAL C 4 13.72 0.34 -6.49
CA VAL C 4 12.52 -0.28 -7.01
C VAL C 4 11.40 0.03 -6.03
N THR C 5 10.41 0.77 -6.51
CA THR C 5 9.22 1.10 -5.74
C THR C 5 8.09 0.22 -6.23
N VAL C 6 7.61 -0.63 -5.34
CA VAL C 6 6.53 -1.52 -5.66
C VAL C 6 5.41 -1.27 -4.67
N LYS C 7 4.23 -1.02 -5.21
CA LYS C 7 3.11 -0.53 -4.44
C LYS C 7 3.52 0.84 -3.90
N ASN C 8 3.91 0.88 -2.64
CA ASN C 8 4.57 2.06 -2.08
C ASN C 8 5.79 1.69 -1.24
N LEU C 9 6.28 0.46 -1.41
CA LEU C 9 7.48 -0.01 -0.75
C LEU C 9 8.67 0.40 -1.60
N ILE C 10 9.68 0.99 -0.97
CA ILE C 10 10.87 1.41 -1.68
C ILE C 10 12.03 0.49 -1.31
N ILE C 11 12.43 -0.32 -2.28
CA ILE C 11 13.52 -1.27 -2.08
C ILE C 11 14.85 -0.63 -2.50
N GLY C 12 15.86 -0.74 -1.62
CA GLY C 12 17.16 -0.09 -1.81
C GLY C 12 17.31 1.22 -1.05
N GLU C 13 16.33 1.54 -0.19
CA GLU C 13 16.39 2.68 0.74
C GLU C 13 16.07 2.17 2.14
N GLY C 14 16.67 2.79 3.16
CA GLY C 14 16.20 2.63 4.54
C GLY C 14 16.54 1.26 5.10
N MET C 15 15.66 0.73 5.92
CA MET C 15 15.88 -0.58 6.52
C MET C 15 15.65 -1.65 5.49
N PRO C 16 16.39 -2.76 5.58
CA PRO C 16 16.10 -3.82 4.61
C PRO C 16 14.64 -4.26 4.74
N LYS C 17 14.06 -4.67 3.61
CA LYS C 17 12.64 -5.08 3.55
C LYS C 17 12.46 -6.57 3.86
N ILE C 18 11.40 -6.89 4.59
CA ILE C 18 11.19 -8.25 5.06
C ILE C 18 10.30 -9.02 4.12
N ILE C 19 10.85 -10.10 3.59
CA ILE C 19 10.18 -10.99 2.66
C ILE C 19 9.75 -12.22 3.45
N VAL C 20 8.53 -12.67 3.23
CA VAL C 20 8.10 -13.95 3.75
C VAL C 20 7.75 -14.84 2.57
N SER C 21 7.93 -16.14 2.73
CA SER C 21 7.72 -17.07 1.62
C SER C 21 6.54 -17.94 1.88
N LEU C 22 5.56 -17.90 0.97
CA LEU C 22 4.34 -18.68 1.10
C LEU C 22 4.45 -19.96 0.25
N MET C 23 4.30 -21.11 0.91
CA MET C 23 4.35 -22.41 0.24
C MET C 23 3.01 -23.09 0.33
N GLY C 24 2.48 -23.52 -0.80
CA GLY C 24 1.21 -24.25 -0.85
C GLY C 24 1.29 -25.35 -1.89
N ARG C 25 0.83 -26.55 -1.54
CA ARG C 25 0.89 -27.68 -2.48
C ARG C 25 -0.31 -27.68 -3.43
N ASP C 26 -1.42 -27.05 -3.01
CA ASP C 26 -2.66 -26.99 -3.82
C ASP C 26 -3.36 -25.65 -3.59
N ILE C 27 -4.50 -25.43 -4.24
CA ILE C 27 -5.24 -24.16 -4.13
C ILE C 27 -5.74 -23.90 -2.71
N ASN C 28 -6.40 -24.89 -2.12
CA ASN C 28 -6.86 -24.76 -0.75
C ASN C 28 -5.71 -24.43 0.22
N SER C 29 -4.56 -25.06 0.02
CA SER C 29 -3.44 -24.91 0.94
C SER C 29 -2.75 -23.56 0.73
N VAL C 30 -2.69 -23.08 -0.52
CA VAL C 30 -2.28 -21.70 -0.80
C VAL C 30 -3.22 -20.69 -0.12
N LYS C 31 -4.53 -20.92 -0.24
CA LYS C 31 -5.53 -20.05 0.37
C LYS C 31 -5.44 -20.06 1.90
N ALA C 32 -5.29 -21.25 2.50
CA ALA C 32 -5.09 -21.33 3.94
C ALA C 32 -3.89 -20.49 4.40
N GLU C 33 -2.76 -20.65 3.72
CA GLU C 33 -1.55 -19.88 4.05
C GLU C 33 -1.73 -18.37 3.79
N ALA C 34 -2.46 -18.03 2.74
CA ALA C 34 -2.73 -16.63 2.39
C ALA C 34 -3.52 -15.95 3.51
N LEU C 35 -4.53 -16.65 4.05
CA LEU C 35 -5.31 -16.14 5.20
C LEU C 35 -4.45 -15.98 6.46
N ALA C 36 -3.62 -16.98 6.75
CA ALA C 36 -2.77 -16.94 7.93
C ALA C 36 -1.66 -15.89 7.82
N TYR C 37 -1.09 -15.72 6.63
CA TYR C 37 0.02 -14.77 6.40
C TYR C 37 -0.46 -13.32 6.45
N ARG C 38 -1.72 -13.14 6.09
CA ARG C 38 -2.39 -11.85 6.04
C ARG C 38 -2.50 -11.15 7.42
N GLU C 39 -2.51 -11.92 8.52
CA GLU C 39 -2.47 -11.37 9.87
C GLU C 39 -1.12 -10.71 10.19
N ALA C 40 -0.08 -11.15 9.49
CA ALA C 40 1.29 -10.78 9.82
C ALA C 40 1.75 -9.52 9.12
N THR C 41 2.78 -8.92 9.71
CA THR C 41 3.41 -7.70 9.26
C THR C 41 4.71 -8.03 8.56
N PHE C 42 4.82 -7.64 7.29
CA PHE C 42 6.02 -7.85 6.49
C PHE C 42 5.90 -6.99 5.23
N ASP C 43 6.96 -6.92 4.43
CA ASP C 43 7.02 -5.99 3.30
C ASP C 43 6.70 -6.59 1.92
N ILE C 44 7.13 -7.83 1.73
CA ILE C 44 7.00 -8.49 0.43
C ILE C 44 6.58 -9.93 0.65
N LEU C 45 5.67 -10.37 -0.20
CA LEU C 45 5.16 -11.73 -0.19
C LEU C 45 5.81 -12.45 -1.37
N GLU C 46 6.61 -13.46 -1.08
CA GLU C 46 7.13 -14.35 -2.13
C GLU C 46 6.25 -15.57 -2.18
N TRP C 47 5.74 -15.91 -3.36
CA TRP C 47 4.97 -17.14 -3.55
C TRP C 47 5.93 -18.16 -4.13
N ARG C 48 6.17 -19.26 -3.41
CA ARG C 48 7.15 -20.20 -3.81
C ARG C 48 6.44 -21.20 -4.69
N VAL C 49 6.36 -20.89 -5.98
CA VAL C 49 5.51 -21.66 -6.91
C VAL C 49 5.95 -23.15 -7.06
N ASP C 50 7.22 -23.46 -6.82
CA ASP C 50 7.77 -24.82 -6.93
C ASP C 50 7.15 -25.84 -5.96
N HIS C 51 6.49 -25.35 -4.91
CA HIS C 51 5.75 -26.24 -3.98
C HIS C 51 4.38 -26.61 -4.49
N PHE C 52 3.87 -25.84 -5.45
CA PHE C 52 2.52 -26.04 -5.93
C PHE C 52 2.51 -27.26 -6.87
N MET C 53 1.64 -28.22 -6.63
CA MET C 53 1.69 -29.48 -7.41
C MET C 53 1.18 -29.39 -8.84
N ASP C 54 0.18 -28.56 -9.08
CA ASP C 54 -0.54 -28.52 -10.36
C ASP C 54 0.10 -27.54 -11.32
N ILE C 55 1.43 -27.55 -11.35
CA ILE C 55 2.20 -26.61 -12.16
C ILE C 55 2.11 -26.84 -13.65
N ALA C 56 1.66 -28.01 -14.05
CA ALA C 56 1.48 -28.30 -15.48
C ALA C 56 0.36 -27.47 -16.08
N SER C 57 -0.58 -27.02 -15.24
CA SER C 57 -1.69 -26.17 -15.66
C SER C 57 -1.40 -24.69 -15.42
N THR C 58 -1.15 -23.96 -16.49
CA THR C 58 -0.94 -22.53 -16.35
C THR C 58 -2.16 -21.88 -15.67
N GLN C 59 -3.37 -22.25 -16.10
CA GLN C 59 -4.61 -21.72 -15.51
C GLN C 59 -4.68 -21.97 -14.00
N SER C 60 -4.35 -23.17 -13.57
CA SER C 60 -4.26 -23.44 -12.12
C SER C 60 -3.24 -22.53 -11.42
N VAL C 61 -2.07 -22.39 -12.01
CA VAL C 61 -1.04 -21.49 -11.47
C VAL C 61 -1.58 -20.07 -11.34
N LEU C 62 -2.21 -19.57 -12.40
CA LEU C 62 -2.77 -18.23 -12.34
C LEU C 62 -3.95 -18.10 -11.38
N THR C 63 -4.74 -19.16 -11.19
CA THR C 63 -5.78 -19.15 -10.14
C THR C 63 -5.17 -19.01 -8.73
N ALA C 64 -4.08 -19.73 -8.47
CA ALA C 64 -3.34 -19.62 -7.20
C ALA C 64 -2.77 -18.21 -6.98
N ALA C 65 -2.24 -17.63 -8.07
CA ALA C 65 -1.70 -16.28 -8.02
C ALA C 65 -2.80 -15.30 -7.64
N ARG C 66 -3.96 -15.43 -8.29
CA ARG C 66 -5.09 -14.53 -8.06
C ARG C 66 -5.63 -14.62 -6.63
N VAL C 67 -5.71 -15.82 -6.08
CA VAL C 67 -6.10 -15.98 -4.67
C VAL C 67 -5.20 -15.17 -3.73
N ILE C 68 -3.89 -15.26 -3.98
CA ILE C 68 -2.90 -14.59 -3.13
C ILE C 68 -3.01 -13.08 -3.27
N ARG C 69 -3.09 -12.64 -4.53
CA ARG C 69 -3.22 -11.22 -4.83
C ARG C 69 -4.49 -10.66 -4.19
N ASP C 70 -5.59 -11.39 -4.30
CA ASP C 70 -6.85 -10.93 -3.75
C ASP C 70 -6.87 -10.93 -2.23
N ALA C 71 -6.18 -11.88 -1.60
CA ALA C 71 -6.03 -11.95 -0.13
C ALA C 71 -5.29 -10.75 0.47
N MET C 72 -4.28 -10.26 -0.25
CA MET C 72 -3.46 -9.11 0.17
C MET C 72 -3.29 -8.19 -1.03
N PRO C 73 -4.34 -7.43 -1.37
CA PRO C 73 -4.30 -6.58 -2.59
C PRO C 73 -3.22 -5.50 -2.64
N ASP C 74 -2.71 -5.09 -1.48
CA ASP C 74 -1.74 -4.01 -1.37
C ASP C 74 -0.30 -4.46 -1.15
N ILE C 75 -0.08 -5.78 -1.01
CA ILE C 75 1.27 -6.29 -0.77
C ILE C 75 2.04 -6.49 -2.07
N PRO C 76 3.29 -6.01 -2.12
CA PRO C 76 4.19 -6.39 -3.19
C PRO C 76 4.23 -7.92 -3.32
N LEU C 77 3.93 -8.44 -4.50
CA LEU C 77 3.89 -9.87 -4.74
C LEU C 77 4.98 -10.28 -5.72
N LEU C 78 5.82 -11.20 -5.25
CA LEU C 78 6.94 -11.77 -5.99
C LEU C 78 6.63 -13.21 -6.36
N PHE C 79 6.72 -13.54 -7.64
CA PHE C 79 6.43 -14.89 -8.18
C PHE C 79 7.74 -15.65 -8.30
N THR C 80 7.95 -16.71 -7.50
CA THR C 80 9.20 -17.45 -7.54
C THR C 80 9.03 -18.97 -7.74
N PHE C 81 9.47 -19.45 -8.90
CA PHE C 81 9.73 -20.87 -9.08
C PHE C 81 11.23 -21.09 -8.87
N ARG C 82 11.58 -21.72 -7.75
CA ARG C 82 12.97 -22.05 -7.45
C ARG C 82 13.21 -23.45 -7.99
N SER C 83 14.22 -23.61 -8.82
CA SER C 83 14.51 -24.91 -9.44
C SER C 83 15.09 -25.84 -8.38
N ALA C 84 14.81 -27.13 -8.49
CA ALA C 84 15.48 -28.14 -7.64
C ALA C 84 17.00 -27.90 -7.56
N LYS C 85 17.59 -27.60 -8.71
CA LYS C 85 19.02 -27.30 -8.87
C LYS C 85 19.54 -26.26 -7.86
N GLU C 86 18.68 -25.30 -7.53
CA GLU C 86 19.03 -24.23 -6.61
C GLU C 86 18.23 -24.31 -5.31
N GLY C 87 17.75 -25.52 -5.00
CA GLY C 87 17.15 -25.82 -3.71
C GLY C 87 15.64 -25.85 -3.70
N GLY C 88 15.03 -25.79 -4.89
CA GLY C 88 13.58 -25.85 -5.05
C GLY C 88 13.00 -27.24 -4.85
N GLU C 89 11.69 -27.34 -5.02
CA GLU C 89 10.93 -28.56 -4.69
C GLU C 89 10.68 -29.57 -5.83
N GLN C 90 10.77 -29.15 -7.10
CA GLN C 90 10.56 -30.10 -8.20
C GLN C 90 11.26 -29.67 -9.48
N THR C 91 11.32 -30.59 -10.44
CA THR C 91 12.02 -30.35 -11.69
C THR C 91 11.05 -29.71 -12.67
N ILE C 92 11.61 -28.98 -13.62
CA ILE C 92 10.83 -28.28 -14.62
C ILE C 92 11.75 -28.09 -15.82
N THR C 93 11.20 -28.18 -17.02
CA THR C 93 12.00 -27.90 -18.19
C THR C 93 12.12 -26.38 -18.35
N THR C 94 13.20 -25.94 -18.98
CA THR C 94 13.36 -24.53 -19.21
C THR C 94 12.18 -23.93 -20.01
N GLN C 95 11.59 -24.70 -20.93
CA GLN C 95 10.44 -24.19 -21.67
C GLN C 95 9.23 -24.00 -20.76
N HIS C 96 9.01 -24.92 -19.82
CA HIS C 96 7.84 -24.71 -18.97
C HIS C 96 8.05 -23.60 -17.93
N TYR C 97 9.27 -23.47 -17.45
CA TYR C 97 9.66 -22.40 -16.53
C TYR C 97 9.35 -21.08 -17.19
N LEU C 98 9.74 -20.95 -18.45
CA LEU C 98 9.46 -19.72 -19.21
C LEU C 98 7.95 -19.48 -19.45
N THR C 99 7.20 -20.54 -19.77
CA THR C 99 5.73 -20.45 -19.86
C THR C 99 5.10 -19.89 -18.58
N LEU C 100 5.50 -20.41 -17.43
CA LEU C 100 4.92 -19.94 -16.16
C LEU C 100 5.27 -18.50 -15.85
N ASN C 101 6.54 -18.18 -16.02
CA ASN C 101 7.04 -16.85 -15.69
C ASN C 101 6.45 -15.80 -16.65
N ARG C 102 6.35 -16.13 -17.94
CA ARG C 102 5.67 -15.25 -18.89
C ARG C 102 4.18 -15.07 -18.58
N ALA C 103 3.52 -16.13 -18.11
CA ALA C 103 2.10 -16.08 -17.79
C ALA C 103 1.86 -15.27 -16.54
N ALA C 104 2.76 -15.42 -15.58
CA ALA C 104 2.71 -14.60 -14.38
C ALA C 104 2.87 -13.13 -14.79
N ILE C 105 3.86 -12.87 -15.63
CA ILE C 105 4.16 -11.49 -16.06
C ILE C 105 2.97 -10.83 -16.73
N ASP C 106 2.41 -11.50 -17.73
CA ASP C 106 1.37 -10.85 -18.52
C ASP C 106 -0.06 -10.98 -17.91
N SER C 107 -0.18 -11.72 -16.79
CA SER C 107 -1.42 -11.80 -15.99
C SER C 107 -1.83 -10.49 -15.31
N GLY C 108 -0.85 -9.67 -14.95
CA GLY C 108 -1.09 -8.45 -14.18
C GLY C 108 -1.23 -8.69 -12.68
N LEU C 109 -1.10 -9.95 -12.26
CA LEU C 109 -1.38 -10.32 -10.87
C LEU C 109 -0.17 -10.18 -9.96
N VAL C 110 1.03 -10.14 -10.53
CA VAL C 110 2.25 -10.07 -9.73
C VAL C 110 3.03 -8.81 -10.03
N ASP C 111 3.79 -8.39 -9.03
CA ASP C 111 4.58 -7.18 -9.09
C ASP C 111 6.02 -7.45 -9.51
N MET C 112 6.56 -8.60 -9.11
CA MET C 112 7.94 -8.98 -9.38
C MET C 112 7.98 -10.46 -9.75
N ILE C 113 8.98 -10.82 -10.56
CA ILE C 113 9.27 -12.24 -10.81
C ILE C 113 10.71 -12.54 -10.42
N ASP C 114 10.94 -13.76 -9.92
CA ASP C 114 12.29 -14.25 -9.71
C ASP C 114 12.75 -15.00 -10.96
N LEU C 115 13.96 -14.72 -11.41
CA LEU C 115 14.51 -15.35 -12.59
C LEU C 115 15.93 -15.80 -12.29
N GLU C 116 16.20 -17.10 -12.39
CA GLU C 116 17.52 -17.60 -12.06
C GLU C 116 18.55 -17.25 -13.13
N LEU C 117 19.66 -16.66 -12.68
CA LEU C 117 20.74 -16.25 -13.56
C LEU C 117 21.16 -17.37 -14.50
N PHE C 118 21.26 -18.59 -13.98
CA PHE C 118 21.78 -19.71 -14.77
C PHE C 118 20.67 -20.49 -15.50
N THR C 119 19.56 -19.85 -15.78
CA THR C 119 18.54 -20.41 -16.67
C THR C 119 19.05 -20.58 -18.11
N GLY C 120 19.97 -19.70 -18.53
CA GLY C 120 20.36 -19.60 -19.93
C GLY C 120 20.21 -18.19 -20.43
N ASP C 121 21.28 -17.63 -21.00
CA ASP C 121 21.35 -16.20 -21.24
C ASP C 121 20.28 -15.71 -22.22
N ALA C 122 19.99 -16.48 -23.28
CA ALA C 122 18.92 -16.12 -24.22
C ALA C 122 17.54 -16.09 -23.53
N ASP C 123 17.27 -17.10 -22.71
CA ASP C 123 16.02 -17.17 -21.98
C ASP C 123 15.92 -16.08 -20.91
N VAL C 124 17.02 -15.75 -20.28
CA VAL C 124 17.00 -14.71 -19.24
C VAL C 124 16.79 -13.32 -19.84
N LYS C 125 17.58 -13.00 -20.85
CA LYS C 125 17.44 -11.75 -21.60
C LYS C 125 16.01 -11.55 -22.07
N ALA C 126 15.47 -12.58 -22.74
CA ALA C 126 14.13 -12.51 -23.28
C ALA C 126 13.10 -12.25 -22.19
N THR C 127 13.26 -12.90 -21.05
CA THR C 127 12.27 -12.85 -20.01
C THR C 127 12.34 -11.52 -19.25
N VAL C 128 13.55 -10.99 -19.09
CA VAL C 128 13.73 -9.64 -18.53
C VAL C 128 13.02 -8.60 -19.40
N ASP C 129 13.20 -8.70 -20.71
CA ASP C 129 12.57 -7.74 -21.63
C ASP C 129 11.04 -7.83 -21.55
N TYR C 130 10.51 -9.05 -21.58
CA TYR C 130 9.07 -9.27 -21.45
C TYR C 130 8.54 -8.68 -20.15
N ALA C 131 9.20 -8.95 -19.02
CA ALA C 131 8.80 -8.41 -17.73
C ALA C 131 8.73 -6.88 -17.81
N HIS C 132 9.80 -6.29 -18.31
CA HIS C 132 9.87 -4.83 -18.40
C HIS C 132 8.84 -4.27 -19.38
N ALA C 133 8.55 -4.99 -20.45
CA ALA C 133 7.45 -4.57 -21.34
C ALA C 133 6.10 -4.54 -20.62
N HIS C 134 5.95 -5.36 -19.58
CA HIS C 134 4.71 -5.46 -18.84
C HIS C 134 4.81 -4.84 -17.43
N ASN C 135 5.81 -3.98 -17.22
CA ASN C 135 6.02 -3.25 -15.98
C ASN C 135 6.21 -4.11 -14.72
N VAL C 136 6.70 -5.34 -14.92
CA VAL C 136 7.01 -6.25 -13.81
C VAL C 136 8.50 -6.09 -13.50
N TYR C 137 8.89 -6.14 -12.24
CA TYR C 137 10.31 -6.05 -11.88
C TYR C 137 10.90 -7.44 -11.72
N VAL C 138 12.20 -7.55 -12.01
CA VAL C 138 12.93 -8.82 -11.90
C VAL C 138 13.92 -8.86 -10.76
N VAL C 139 13.70 -9.83 -9.88
CA VAL C 139 14.67 -10.26 -8.94
C VAL C 139 15.41 -11.41 -9.61
N MET C 140 16.66 -11.17 -9.99
CA MET C 140 17.46 -12.22 -10.60
C MET C 140 18.27 -12.88 -9.50
N SER C 141 18.31 -14.21 -9.51
CA SER C 141 18.76 -14.97 -8.36
C SER C 141 19.75 -16.06 -8.72
N ASN C 142 20.62 -16.33 -7.76
CA ASN C 142 21.51 -17.45 -7.80
C ASN C 142 21.64 -17.93 -6.37
N HIS C 143 21.54 -19.25 -6.19
CA HIS C 143 21.70 -19.88 -4.90
C HIS C 143 22.66 -21.04 -4.98
N ASP C 144 23.45 -21.19 -3.92
CA ASP C 144 24.29 -22.37 -3.73
C ASP C 144 23.98 -22.87 -2.33
N PHE C 145 23.19 -23.94 -2.20
CA PHE C 145 22.80 -24.47 -0.89
C PHE C 145 23.81 -25.44 -0.29
N HIS C 146 24.93 -25.62 -0.98
CA HIS C 146 26.02 -26.51 -0.55
C HIS C 146 27.25 -25.80 0.00
N GLN C 147 27.59 -24.65 -0.57
CA GLN C 147 28.86 -24.01 -0.27
C GLN C 147 28.90 -22.54 -0.64
N THR C 148 29.96 -21.87 -0.21
CA THR C 148 30.14 -20.45 -0.49
C THR C 148 31.24 -20.23 -1.52
N PRO C 149 30.89 -19.64 -2.70
CA PRO C 149 31.92 -19.30 -3.68
C PRO C 149 32.86 -18.22 -3.18
N SER C 150 33.98 -17.99 -3.85
CA SER C 150 34.88 -16.89 -3.45
C SER C 150 34.14 -15.53 -3.54
N ALA C 151 34.68 -14.52 -2.87
CA ALA C 151 34.05 -13.20 -2.87
C ALA C 151 33.99 -12.71 -4.31
N GLU C 152 35.06 -12.97 -5.05
CA GLU C 152 35.18 -12.46 -6.41
C GLU C 152 34.17 -13.13 -7.33
N GLU C 153 33.94 -14.42 -7.16
CA GLU C 153 32.94 -15.14 -7.94
C GLU C 153 31.52 -14.59 -7.64
N MET C 154 31.20 -14.39 -6.37
CA MET C 154 29.88 -13.87 -6.03
C MET C 154 29.67 -12.49 -6.64
N VAL C 155 30.66 -11.61 -6.54
CA VAL C 155 30.56 -10.27 -7.15
C VAL C 155 30.38 -10.44 -8.68
N LEU C 156 31.17 -11.31 -9.29
CA LEU C 156 30.99 -11.54 -10.75
C LEU C 156 29.54 -11.90 -11.11
N ARG C 157 28.93 -12.76 -10.31
CA ARG C 157 27.57 -13.18 -10.59
C ARG C 157 26.61 -11.99 -10.43
N LEU C 158 26.74 -11.24 -9.34
CA LEU C 158 25.82 -10.12 -9.14
C LEU C 158 25.99 -9.10 -10.25
N ARG C 159 27.23 -8.89 -10.70
CA ARG C 159 27.47 -7.90 -11.75
C ARG C 159 26.91 -8.34 -13.10
N LYS C 160 26.95 -9.65 -13.34
CA LYS C 160 26.35 -10.23 -14.54
C LYS C 160 24.84 -10.06 -14.51
N MET C 161 24.27 -10.21 -13.33
CA MET C 161 22.86 -9.92 -13.14
C MET C 161 22.53 -8.47 -13.48
N GLN C 162 23.35 -7.52 -13.05
CA GLN C 162 23.11 -6.11 -13.41
C GLN C 162 23.20 -5.96 -14.93
N ALA C 163 24.26 -6.47 -15.52
CA ALA C 163 24.45 -6.44 -16.98
C ALA C 163 23.26 -7.02 -17.75
N LEU C 164 22.62 -8.05 -17.19
CA LEU C 164 21.44 -8.68 -17.83
C LEU C 164 20.13 -7.92 -17.61
N GLY C 165 20.19 -6.81 -16.86
CA GLY C 165 19.06 -5.92 -16.65
C GLY C 165 18.25 -6.20 -15.40
N ALA C 166 18.75 -7.07 -14.53
CA ALA C 166 18.08 -7.32 -13.25
C ALA C 166 17.73 -6.02 -12.52
N ASP C 167 16.55 -5.94 -11.96
CA ASP C 167 16.20 -4.81 -11.12
C ASP C 167 16.79 -4.97 -9.74
N ILE C 168 16.84 -6.23 -9.27
CA ILE C 168 17.40 -6.57 -7.95
C ILE C 168 18.21 -7.89 -8.05
N PRO C 169 19.53 -7.79 -8.24
CA PRO C 169 20.34 -9.00 -8.14
C PRO C 169 20.22 -9.59 -6.72
N LYS C 170 20.21 -10.91 -6.66
CA LYS C 170 20.09 -11.64 -5.41
C LYS C 170 21.00 -12.85 -5.41
N ILE C 171 21.68 -13.09 -4.29
CA ILE C 171 22.48 -14.28 -4.16
C ILE C 171 22.34 -14.82 -2.74
N ALA C 172 22.22 -16.15 -2.64
CA ALA C 172 22.15 -16.84 -1.35
C ALA C 172 23.08 -18.06 -1.34
N VAL C 173 23.94 -18.17 -0.33
CA VAL C 173 24.99 -19.17 -0.31
C VAL C 173 25.07 -19.83 1.06
N MET C 174 25.53 -21.07 1.10
CA MET C 174 25.56 -21.87 2.32
C MET C 174 26.95 -21.82 2.94
N PRO C 175 27.04 -21.32 4.18
CA PRO C 175 28.30 -21.36 4.90
C PRO C 175 28.63 -22.76 5.42
N GLN C 176 29.90 -23.14 5.23
CA GLN C 176 30.50 -24.35 5.81
C GLN C 176 31.38 -23.98 7.04
N SER C 177 31.47 -22.68 7.34
CA SER C 177 32.32 -22.16 8.43
C SER C 177 31.92 -20.71 8.70
N LYS C 178 32.40 -20.15 9.79
CA LYS C 178 32.15 -18.74 10.09
C LYS C 178 32.91 -17.84 9.12
N HIS C 179 34.12 -18.27 8.74
CA HIS C 179 34.87 -17.61 7.66
C HIS C 179 33.98 -17.37 6.42
N ASP C 180 33.29 -18.40 5.94
CA ASP C 180 32.32 -18.25 4.82
C ASP C 180 31.29 -17.13 4.98
N VAL C 181 30.87 -16.87 6.22
CA VAL C 181 29.90 -15.81 6.44
C VAL C 181 30.58 -14.45 6.20
N LEU C 182 31.81 -14.28 6.69
CA LEU C 182 32.59 -13.08 6.41
C LEU C 182 32.80 -12.87 4.91
N THR C 183 33.04 -13.96 4.19
CA THR C 183 33.21 -13.86 2.72
C THR C 183 31.96 -13.31 2.02
N LEU C 184 30.78 -13.77 2.45
CA LEU C 184 29.51 -13.29 1.90
C LEU C 184 29.33 -11.82 2.28
N LEU C 185 29.67 -11.44 3.53
CA LEU C 185 29.54 -10.04 3.92
C LEU C 185 30.50 -9.16 3.15
N THR C 186 31.72 -9.64 2.94
CA THR C 186 32.75 -8.95 2.15
C THR C 186 32.28 -8.77 0.69
N ALA C 187 31.72 -9.81 0.09
CA ALA C 187 31.14 -9.68 -1.25
C ALA C 187 30.02 -8.63 -1.33
N THR C 188 29.17 -8.64 -0.32
CA THR C 188 28.05 -7.69 -0.28
C THR C 188 28.57 -6.25 -0.25
N LEU C 189 29.59 -6.00 0.57
CA LEU C 189 30.19 -4.68 0.70
C LEU C 189 30.86 -4.20 -0.58
N GLU C 190 31.63 -5.08 -1.23
CA GLU C 190 32.30 -4.71 -2.48
CA GLU C 190 32.31 -4.75 -2.48
C GLU C 190 31.27 -4.31 -3.51
N MET C 191 30.19 -5.08 -3.59
CA MET C 191 29.12 -4.78 -4.53
C MET C 191 28.56 -3.40 -4.21
N GLN C 192 28.30 -3.17 -2.92
CA GLN C 192 27.68 -1.92 -2.51
C GLN C 192 28.54 -0.75 -2.91
N GLN C 193 29.81 -0.75 -2.53
CA GLN C 193 30.64 0.45 -2.69
C GLN C 193 31.38 0.61 -4.03
N HIS C 194 31.47 -0.43 -4.85
CA HIS C 194 32.17 -0.31 -6.15
C HIS C 194 31.34 -0.54 -7.40
N TYR C 195 30.18 -1.19 -7.28
CA TYR C 195 29.47 -1.62 -8.49
C TYR C 195 27.99 -1.37 -8.52
N ALA C 196 27.33 -1.66 -7.40
CA ALA C 196 25.88 -1.58 -7.35
C ALA C 196 25.37 -0.17 -7.64
N ASP C 197 24.47 -0.08 -8.62
CA ASP C 197 23.66 1.11 -8.87
C ASP C 197 22.19 0.71 -8.83
N ARG C 198 21.91 -0.39 -8.14
CA ARG C 198 20.56 -0.84 -7.92
C ARG C 198 20.59 -1.69 -6.65
N PRO C 199 19.43 -1.99 -6.08
CA PRO C 199 19.45 -2.74 -4.82
C PRO C 199 19.92 -4.17 -5.06
N VAL C 200 20.66 -4.73 -4.10
CA VAL C 200 21.09 -6.13 -4.15
C VAL C 200 20.65 -6.82 -2.88
N ILE C 201 20.24 -8.09 -3.00
CA ILE C 201 19.91 -8.94 -1.86
C ILE C 201 20.98 -10.01 -1.72
N THR C 202 21.56 -10.13 -0.53
CA THR C 202 22.48 -11.20 -0.27
C THR C 202 22.15 -11.89 1.03
N MET C 203 22.49 -13.17 1.12
CA MET C 203 22.29 -13.91 2.37
C MET C 203 23.20 -15.12 2.49
N SER C 204 23.65 -15.36 3.72
CA SER C 204 24.37 -16.57 4.08
C SER C 204 23.33 -17.40 4.81
N MET C 205 23.19 -18.65 4.38
CA MET C 205 22.18 -19.55 4.90
C MET C 205 22.52 -20.09 6.29
N ALA C 206 21.50 -20.75 6.85
CA ALA C 206 21.63 -21.56 8.05
C ALA C 206 21.89 -20.72 9.32
N LYS C 207 22.03 -21.41 10.46
CA LYS C 207 22.37 -20.79 11.73
C LYS C 207 23.60 -19.92 11.65
N GLU C 208 24.68 -20.46 11.08
CA GLU C 208 25.92 -19.72 10.92
C GLU C 208 25.72 -18.39 10.20
N GLY C 209 24.81 -18.36 9.24
CA GLY C 209 24.62 -17.16 8.41
C GLY C 209 23.60 -16.17 8.92
N VAL C 210 22.95 -16.45 10.05
CA VAL C 210 21.88 -15.55 10.53
C VAL C 210 22.31 -14.07 10.57
N ILE C 211 23.53 -13.79 10.99
CA ILE C 211 23.97 -12.40 11.09
C ILE C 211 23.76 -11.64 9.77
N SER C 212 23.89 -12.34 8.63
CA SER C 212 23.70 -11.71 7.32
C SER C 212 22.22 -11.28 7.09
N ARG C 213 21.30 -11.87 7.84
CA ARG C 213 19.88 -11.48 7.75
C ARG C 213 19.57 -10.22 8.56
N LEU C 214 20.50 -9.88 9.45
CA LEU C 214 20.38 -8.74 10.35
C LEU C 214 21.22 -7.53 9.92
N ALA C 215 22.27 -7.77 9.13
CA ALA C 215 23.33 -6.76 8.89
C ALA C 215 23.22 -6.06 7.54
N GLY C 216 22.09 -6.22 6.88
CA GLY C 216 21.87 -5.68 5.55
C GLY C 216 22.01 -4.19 5.36
N GLU C 217 21.54 -3.41 6.33
CA GLU C 217 21.66 -1.95 6.22
C GLU C 217 23.13 -1.54 6.21
N VAL C 218 23.93 -2.28 6.98
CA VAL C 218 25.35 -1.98 7.17
C VAL C 218 26.20 -2.31 5.96
N PHE C 219 26.04 -3.53 5.40
CA PHE C 219 26.95 -3.99 4.34
C PHE C 219 26.33 -4.01 2.93
N GLY C 220 25.00 -3.83 2.84
CA GLY C 220 24.35 -3.55 1.54
C GLY C 220 23.47 -4.65 0.97
N SER C 221 22.70 -5.30 1.83
CA SER C 221 21.61 -6.12 1.38
C SER C 221 20.28 -5.42 1.63
N ALA C 222 19.47 -5.31 0.58
CA ALA C 222 18.26 -4.50 0.61
C ALA C 222 16.99 -5.21 1.09
N ALA C 223 17.09 -6.52 1.28
CA ALA C 223 15.98 -7.35 1.75
C ALA C 223 16.51 -8.56 2.49
N THR C 224 15.65 -9.12 3.31
CA THR C 224 15.94 -10.26 4.15
C THR C 224 14.68 -11.13 4.20
N PHE C 225 14.84 -12.39 4.59
CA PHE C 225 13.75 -13.33 4.55
C PHE C 225 13.40 -13.68 5.98
N GLY C 226 12.10 -13.62 6.30
CA GLY C 226 11.61 -13.81 7.66
C GLY C 226 10.49 -14.81 7.67
N ALA C 227 10.26 -15.42 8.83
CA ALA C 227 9.23 -16.45 8.99
C ALA C 227 8.02 -15.92 9.75
N VAL C 228 6.83 -16.17 9.24
CA VAL C 228 5.61 -15.88 9.96
C VAL C 228 5.42 -17.02 10.97
N LYS C 229 5.29 -18.25 10.48
CA LYS C 229 5.16 -19.43 11.33
C LYS C 229 6.51 -20.10 11.54
N PRO C 234 17.01 -24.06 10.74
CA PRO C 234 18.00 -23.13 11.29
C PRO C 234 18.17 -21.87 10.44
N GLY C 235 18.36 -20.73 11.11
CA GLY C 235 18.54 -19.45 10.43
C GLY C 235 17.26 -18.65 10.28
N GLN C 236 16.12 -19.31 10.38
CA GLN C 236 14.85 -18.64 10.19
C GLN C 236 14.52 -17.80 11.43
N ILE C 237 14.22 -16.53 11.19
CA ILE C 237 13.90 -15.57 12.23
C ILE C 237 12.46 -15.11 12.06
N ALA C 238 11.70 -15.15 13.15
CA ALA C 238 10.31 -14.75 13.10
C ALA C 238 10.22 -13.26 12.76
N VAL C 239 9.28 -12.91 11.89
CA VAL C 239 9.24 -11.54 11.36
C VAL C 239 9.20 -10.43 12.41
N ASN C 240 8.46 -10.63 13.52
CA ASN C 240 8.44 -9.59 14.56
C ASN C 240 9.79 -9.45 15.25
N ASP C 241 10.50 -10.56 15.43
CA ASP C 241 11.88 -10.53 15.97
C ASP C 241 12.81 -9.82 14.98
N LEU C 242 12.75 -10.25 13.73
CA LEU C 242 13.51 -9.63 12.65
C LEU C 242 13.34 -8.12 12.56
N ARG C 243 12.09 -7.67 12.54
CA ARG C 243 11.80 -6.24 12.45
C ARG C 243 12.41 -5.51 13.67
N SER C 244 12.32 -6.12 14.86
CA SER C 244 12.92 -5.54 16.08
C SER C 244 14.40 -5.25 15.91
N VAL C 245 15.15 -6.23 15.42
CA VAL C 245 16.57 -6.10 15.25
C VAL C 245 16.85 -5.03 14.19
N LEU C 246 16.09 -5.03 13.10
CA LEU C 246 16.34 -4.10 12.01
C LEU C 246 16.13 -2.66 12.45
N MET C 247 15.08 -2.44 13.24
CA MET C 247 14.84 -1.10 13.79
C MET C 247 15.93 -0.70 14.77
N ILE C 248 16.28 -1.60 15.67
CA ILE C 248 17.33 -1.29 16.65
C ILE C 248 18.65 -0.88 15.95
N LEU C 249 19.07 -1.66 14.97
CA LEU C 249 20.23 -1.32 14.16
C LEU C 249 20.09 0.02 13.47
N HIS C 250 18.96 0.22 12.80
CA HIS C 250 18.68 1.43 12.00
C HIS C 250 18.82 2.70 12.86
N ASN C 251 18.24 2.65 14.05
CA ASN C 251 18.16 3.80 14.96
C ASN C 251 19.32 3.94 15.94
N ALA C 252 20.36 3.12 15.80
CA ALA C 252 21.49 3.16 16.73
C ALA C 252 22.33 4.42 16.51
N LYS D 2 30.61 -34.49 -10.92
CA LYS D 2 31.01 -35.91 -10.96
C LYS D 2 32.21 -36.18 -11.85
N THR D 3 32.74 -37.39 -11.71
CA THR D 3 33.74 -37.94 -12.61
C THR D 3 33.13 -39.18 -13.29
N VAL D 4 33.91 -39.79 -14.19
CA VAL D 4 33.53 -41.01 -14.89
C VAL D 4 34.74 -41.94 -14.89
N THR D 5 34.57 -43.15 -14.33
CA THR D 5 35.65 -44.11 -14.25
C THR D 5 35.47 -45.27 -15.23
N VAL D 6 36.44 -45.42 -16.11
CA VAL D 6 36.55 -46.61 -16.95
C VAL D 6 37.89 -47.28 -16.66
N LYS D 7 37.86 -48.56 -16.30
CA LYS D 7 39.07 -49.34 -16.01
C LYS D 7 40.12 -48.55 -15.23
N ASN D 8 39.69 -47.96 -14.12
CA ASN D 8 40.56 -47.18 -13.21
C ASN D 8 40.98 -45.80 -13.73
N LEU D 9 40.59 -45.44 -14.95
CA LEU D 9 40.81 -44.08 -15.42
C LEU D 9 39.70 -43.17 -14.94
N ILE D 10 40.04 -42.20 -14.10
CA ILE D 10 39.03 -41.26 -13.60
C ILE D 10 39.01 -40.01 -14.48
N ILE D 11 37.96 -39.91 -15.29
CA ILE D 11 37.76 -38.77 -16.20
C ILE D 11 37.03 -37.66 -15.47
N GLY D 12 37.64 -36.49 -15.46
CA GLY D 12 37.07 -35.32 -14.76
C GLY D 12 37.90 -34.88 -13.56
N GLU D 13 39.01 -35.56 -13.33
CA GLU D 13 39.94 -35.19 -12.26
C GLU D 13 41.37 -35.17 -12.76
N GLY D 14 42.16 -34.23 -12.25
CA GLY D 14 43.56 -34.09 -12.62
C GLY D 14 43.77 -33.51 -14.02
N MET D 15 44.86 -33.94 -14.64
CA MET D 15 45.18 -33.58 -16.01
C MET D 15 44.16 -34.14 -16.97
N PRO D 16 43.88 -33.39 -18.05
CA PRO D 16 43.04 -33.90 -19.12
C PRO D 16 43.55 -35.23 -19.65
N LYS D 17 42.63 -36.15 -19.92
CA LYS D 17 43.01 -37.50 -20.36
C LYS D 17 43.29 -37.45 -21.85
N ILE D 18 44.28 -38.24 -22.30
CA ILE D 18 44.62 -38.33 -23.70
C ILE D 18 43.88 -39.46 -24.44
N ILE D 19 43.10 -39.07 -25.44
CA ILE D 19 42.43 -39.97 -26.34
C ILE D 19 43.27 -40.07 -27.62
N VAL D 20 43.48 -41.30 -28.09
CA VAL D 20 44.04 -41.57 -29.41
C VAL D 20 43.01 -42.34 -30.22
N SER D 21 42.94 -42.04 -31.51
CA SER D 21 41.94 -42.65 -32.37
C SER D 21 42.60 -43.70 -33.25
N LEU D 22 41.95 -44.86 -33.31
CA LEU D 22 42.38 -45.95 -34.17
C LEU D 22 41.55 -45.91 -35.42
N MET D 23 42.20 -45.88 -36.59
N MET D 23 42.21 -45.76 -36.56
CA MET D 23 41.54 -45.65 -37.87
CA MET D 23 41.57 -45.72 -37.85
C MET D 23 42.04 -46.64 -38.93
C MET D 23 42.16 -46.84 -38.67
N GLY D 24 41.28 -47.71 -39.15
CA GLY D 24 41.68 -48.75 -40.08
C GLY D 24 40.49 -49.02 -40.96
N ARG D 25 40.71 -49.17 -42.26
CA ARG D 25 39.60 -49.36 -43.17
C ARG D 25 39.15 -50.80 -43.31
N ASP D 26 39.89 -51.74 -42.76
CA ASP D 26 39.52 -53.12 -42.85
C ASP D 26 40.07 -53.86 -41.66
N ILE D 27 39.72 -55.12 -41.55
CA ILE D 27 40.15 -55.94 -40.43
C ILE D 27 41.69 -56.08 -40.34
N ASN D 28 42.39 -56.23 -41.48
CA ASN D 28 43.88 -56.30 -41.46
C ASN D 28 44.50 -55.11 -40.76
N SER D 29 44.13 -53.92 -41.25
CA SER D 29 44.67 -52.65 -40.82
C SER D 29 44.29 -52.39 -39.37
N VAL D 30 43.07 -52.73 -39.00
CA VAL D 30 42.63 -52.56 -37.60
C VAL D 30 43.48 -53.43 -36.66
N LYS D 31 43.62 -54.71 -37.00
CA LYS D 31 44.45 -55.62 -36.18
C LYS D 31 45.90 -55.11 -36.08
N ALA D 32 46.43 -54.59 -37.17
CA ALA D 32 47.81 -54.10 -37.22
C ALA D 32 48.02 -52.84 -36.39
N GLU D 33 47.02 -51.94 -36.44
CA GLU D 33 47.06 -50.71 -35.66
C GLU D 33 46.91 -50.97 -34.16
N ALA D 34 45.97 -51.82 -33.79
CA ALA D 34 45.79 -52.17 -32.38
C ALA D 34 47.10 -52.69 -31.78
N LEU D 35 47.79 -53.55 -32.52
CA LEU D 35 49.10 -54.07 -32.09
C LEU D 35 50.16 -52.94 -31.94
N ALA D 36 50.22 -52.06 -32.92
CA ALA D 36 51.20 -50.99 -32.87
C ALA D 36 50.87 -49.99 -31.75
N TYR D 37 49.58 -49.79 -31.50
CA TYR D 37 49.12 -48.84 -30.48
C TYR D 37 49.50 -49.25 -29.03
N ARG D 38 49.82 -50.53 -28.82
CA ARG D 38 50.31 -51.01 -27.52
C ARG D 38 51.61 -50.34 -27.08
N GLU D 39 52.34 -49.77 -28.03
CA GLU D 39 53.64 -49.17 -27.79
C GLU D 39 53.55 -47.72 -27.34
N ALA D 40 52.39 -47.10 -27.59
CA ALA D 40 52.14 -45.72 -27.18
C ALA D 40 51.51 -45.69 -25.80
N THR D 41 51.63 -44.54 -25.15
CA THR D 41 51.03 -44.31 -23.84
C THR D 41 49.94 -43.28 -24.04
N PHE D 42 48.73 -43.67 -23.63
CA PHE D 42 47.56 -42.78 -23.69
C PHE D 42 46.51 -43.35 -22.76
N ASP D 43 45.44 -42.59 -22.53
CA ASP D 43 44.45 -42.96 -21.51
C ASP D 43 43.27 -43.71 -22.05
N ILE D 44 42.82 -43.30 -23.24
CA ILE D 44 41.59 -43.81 -23.83
C ILE D 44 41.83 -44.09 -25.30
N LEU D 45 41.34 -45.25 -25.73
CA LEU D 45 41.40 -45.64 -27.13
C LEU D 45 40.02 -45.42 -27.74
N GLU D 46 39.95 -44.54 -28.73
CA GLU D 46 38.74 -44.37 -29.53
C GLU D 46 38.91 -45.21 -30.80
N TRP D 47 37.92 -46.05 -31.12
CA TRP D 47 37.88 -46.75 -32.42
C TRP D 47 36.97 -45.98 -33.37
N ARG D 48 37.54 -45.41 -34.43
CA ARG D 48 36.71 -44.64 -35.32
C ARG D 48 36.08 -45.59 -36.32
N VAL D 49 34.91 -46.10 -35.96
CA VAL D 49 34.19 -47.13 -36.71
C VAL D 49 33.80 -46.68 -38.11
N ASP D 50 33.59 -45.37 -38.30
CA ASP D 50 33.22 -44.88 -39.63
C ASP D 50 34.28 -45.06 -40.72
N HIS D 51 35.54 -45.28 -40.33
CA HIS D 51 36.61 -45.56 -41.32
C HIS D 51 36.47 -46.95 -41.95
N PHE D 52 35.88 -47.86 -41.17
CA PHE D 52 35.76 -49.27 -41.51
C PHE D 52 34.81 -49.48 -42.68
N MET D 53 35.31 -50.10 -43.74
CA MET D 53 34.54 -50.17 -44.98
C MET D 53 33.45 -51.23 -44.95
N ASP D 54 33.71 -52.37 -44.32
CA ASP D 54 32.73 -53.44 -44.26
C ASP D 54 31.73 -53.17 -43.14
N ILE D 55 31.01 -52.06 -43.26
CA ILE D 55 30.17 -51.49 -42.19
C ILE D 55 28.76 -52.08 -42.07
N ALA D 56 28.23 -52.58 -43.19
CA ALA D 56 26.93 -53.24 -43.22
C ALA D 56 26.87 -54.51 -42.35
N SER D 57 27.99 -55.22 -42.24
CA SER D 57 28.06 -56.45 -41.46
C SER D 57 28.33 -56.19 -39.98
N THR D 58 27.30 -56.35 -39.15
CA THR D 58 27.47 -56.16 -37.71
C THR D 58 28.55 -57.13 -37.18
N GLN D 59 28.46 -58.39 -37.58
CA GLN D 59 29.45 -59.40 -37.18
C GLN D 59 30.87 -58.96 -37.57
N SER D 60 31.04 -58.34 -38.75
CA SER D 60 32.35 -57.87 -39.16
C SER D 60 32.87 -56.75 -38.28
N VAL D 61 31.97 -55.84 -37.94
CA VAL D 61 32.29 -54.72 -37.06
C VAL D 61 32.68 -55.26 -35.68
N LEU D 62 31.93 -56.23 -35.17
CA LEU D 62 32.17 -56.72 -33.80
C LEU D 62 33.47 -57.52 -33.72
N THR D 63 33.82 -58.21 -34.79
CA THR D 63 35.08 -58.93 -34.92
C THR D 63 36.27 -57.97 -34.86
N ALA D 64 36.13 -56.82 -35.53
CA ALA D 64 37.12 -55.77 -35.45
C ALA D 64 37.26 -55.24 -34.02
N ALA D 65 36.14 -55.13 -33.30
CA ALA D 65 36.16 -54.72 -31.90
C ALA D 65 36.90 -55.75 -31.06
N ARG D 66 36.67 -57.03 -31.34
CA ARG D 66 37.31 -58.12 -30.58
C ARG D 66 38.84 -58.13 -30.74
N VAL D 67 39.32 -57.96 -31.96
CA VAL D 67 40.73 -57.78 -32.26
C VAL D 67 41.39 -56.63 -31.46
N ILE D 68 40.65 -55.55 -31.33
CA ILE D 68 41.18 -54.40 -30.63
C ILE D 68 41.26 -54.73 -29.15
N ARG D 69 40.17 -55.24 -28.59
CA ARG D 69 40.14 -55.65 -27.19
C ARG D 69 41.17 -56.75 -26.86
N ASP D 70 41.44 -57.61 -27.84
CA ASP D 70 42.44 -58.67 -27.67
C ASP D 70 43.86 -58.13 -27.53
N ALA D 71 44.19 -57.11 -28.30
CA ALA D 71 45.48 -56.45 -28.25
C ALA D 71 45.66 -55.60 -26.99
N MET D 72 44.58 -54.96 -26.56
CA MET D 72 44.61 -54.08 -25.40
C MET D 72 43.49 -54.39 -24.41
N PRO D 73 43.65 -55.45 -23.61
CA PRO D 73 42.52 -55.85 -22.76
C PRO D 73 42.12 -54.86 -21.63
N ASP D 74 43.04 -54.01 -21.18
CA ASP D 74 42.80 -53.12 -20.03
C ASP D 74 42.63 -51.64 -20.39
N ILE D 75 42.65 -51.32 -21.69
CA ILE D 75 42.47 -49.93 -22.11
C ILE D 75 40.97 -49.57 -22.07
N PRO D 76 40.65 -48.34 -21.64
CA PRO D 76 39.32 -47.81 -21.81
C PRO D 76 39.07 -47.71 -23.30
N LEU D 77 37.97 -48.27 -23.78
CA LEU D 77 37.68 -48.38 -25.21
C LEU D 77 36.35 -47.74 -25.58
N LEU D 78 36.42 -46.77 -26.50
CA LEU D 78 35.30 -45.96 -26.91
C LEU D 78 35.01 -46.27 -28.37
N PHE D 79 33.79 -46.70 -28.62
CA PHE D 79 33.28 -47.11 -29.93
C PHE D 79 32.60 -45.90 -30.56
N THR D 80 33.18 -45.36 -31.63
CA THR D 80 32.71 -44.12 -32.26
C THR D 80 32.46 -44.26 -33.76
N PHE D 81 31.21 -44.16 -34.17
CA PHE D 81 30.87 -43.94 -35.59
C PHE D 81 30.53 -42.46 -35.80
N ARG D 82 31.40 -41.76 -36.52
CA ARG D 82 31.24 -40.33 -36.75
C ARG D 82 30.60 -40.23 -38.13
N SER D 83 29.42 -39.62 -38.20
CA SER D 83 28.69 -39.48 -39.47
C SER D 83 29.41 -38.46 -40.35
N ALA D 84 29.30 -38.60 -41.66
CA ALA D 84 30.00 -37.66 -42.56
C ALA D 84 29.59 -36.21 -42.29
N LYS D 85 28.29 -36.02 -42.10
CA LYS D 85 27.67 -34.76 -41.62
C LYS D 85 28.51 -34.04 -40.55
N GLU D 86 29.06 -34.79 -39.60
CA GLU D 86 29.86 -34.21 -38.50
C GLU D 86 31.40 -34.43 -38.63
N GLY D 87 31.88 -34.72 -39.83
CA GLY D 87 33.30 -34.83 -40.09
C GLY D 87 33.75 -36.24 -40.37
N GLY D 88 32.80 -37.17 -40.42
CA GLY D 88 33.15 -38.58 -40.55
C GLY D 88 33.47 -39.03 -41.96
N GLU D 89 33.84 -40.30 -42.08
CA GLU D 89 34.27 -40.90 -43.37
C GLU D 89 33.15 -41.44 -44.27
N GLN D 90 31.95 -41.66 -43.72
CA GLN D 90 30.81 -42.20 -44.45
C GLN D 90 29.50 -41.96 -43.67
N THR D 91 28.40 -42.37 -44.27
CA THR D 91 27.07 -42.21 -43.68
C THR D 91 26.34 -43.53 -43.73
N ILE D 92 25.65 -43.86 -42.64
CA ILE D 92 24.80 -45.04 -42.59
C ILE D 92 23.37 -44.67 -42.21
N THR D 93 22.42 -45.57 -42.41
CA THR D 93 21.05 -45.29 -41.98
C THR D 93 20.99 -45.12 -40.47
N THR D 94 20.05 -44.31 -40.02
CA THR D 94 19.87 -44.15 -38.59
C THR D 94 19.68 -45.52 -37.96
N GLN D 95 18.87 -46.36 -38.59
CA GLN D 95 18.57 -47.67 -38.02
C GLN D 95 19.84 -48.48 -37.80
N HIS D 96 20.74 -48.48 -38.78
CA HIS D 96 21.98 -49.27 -38.70
C HIS D 96 22.95 -48.66 -37.69
N TYR D 97 22.94 -47.34 -37.58
CA TYR D 97 23.73 -46.62 -36.54
C TYR D 97 23.32 -47.10 -35.13
N LEU D 98 22.03 -47.11 -34.89
CA LEU D 98 21.51 -47.61 -33.62
C LEU D 98 21.79 -49.11 -33.47
N THR D 99 21.65 -49.87 -34.55
CA THR D 99 21.96 -51.30 -34.51
C THR D 99 23.43 -51.55 -34.13
N LEU D 100 24.36 -50.87 -34.81
CA LEU D 100 25.78 -51.00 -34.53
C LEU D 100 26.11 -50.64 -33.08
N ASN D 101 25.50 -49.57 -32.58
CA ASN D 101 25.76 -49.15 -31.19
C ASN D 101 25.16 -50.12 -30.18
N ARG D 102 23.96 -50.63 -30.43
CA ARG D 102 23.38 -51.64 -29.54
C ARG D 102 24.24 -52.91 -29.57
N ALA D 103 24.74 -53.28 -30.74
CA ALA D 103 25.62 -54.44 -30.88
C ALA D 103 26.92 -54.29 -30.09
N ALA D 104 27.56 -53.11 -30.18
CA ALA D 104 28.75 -52.83 -29.38
C ALA D 104 28.45 -52.92 -27.88
N ILE D 105 27.32 -52.37 -27.48
CA ILE D 105 26.92 -52.37 -26.08
C ILE D 105 26.73 -53.78 -25.58
N ASP D 106 26.04 -54.59 -26.39
CA ASP D 106 25.72 -55.96 -25.98
C ASP D 106 26.98 -56.79 -25.83
N SER D 107 27.98 -56.50 -26.66
CA SER D 107 29.12 -57.38 -26.86
C SER D 107 30.06 -57.49 -25.65
N GLY D 108 29.93 -56.56 -24.70
CA GLY D 108 30.87 -56.43 -23.58
C GLY D 108 32.30 -56.05 -23.95
N LEU D 109 32.54 -55.65 -25.20
CA LEU D 109 33.88 -55.44 -25.74
C LEU D 109 34.31 -53.99 -25.59
N VAL D 110 33.34 -53.09 -25.43
CA VAL D 110 33.65 -51.67 -25.31
C VAL D 110 33.13 -51.09 -24.00
N ASP D 111 33.81 -50.07 -23.50
CA ASP D 111 33.45 -49.40 -22.26
C ASP D 111 32.55 -48.22 -22.43
N MET D 112 32.68 -47.54 -23.57
CA MET D 112 31.88 -46.38 -23.89
C MET D 112 31.47 -46.41 -25.37
N ILE D 113 30.31 -45.84 -25.69
CA ILE D 113 29.96 -45.51 -27.09
C ILE D 113 29.84 -44.02 -27.22
N ASP D 114 29.95 -43.58 -28.47
CA ASP D 114 29.70 -42.21 -28.87
C ASP D 114 28.31 -42.13 -29.49
N LEU D 115 27.48 -41.21 -28.99
CA LEU D 115 26.20 -40.93 -29.63
C LEU D 115 26.16 -39.49 -30.03
N GLU D 116 25.80 -39.23 -31.29
CA GLU D 116 25.68 -37.88 -31.77
C GLU D 116 24.36 -37.23 -31.33
N LEU D 117 24.47 -36.13 -30.57
CA LEU D 117 23.31 -35.36 -30.09
C LEU D 117 22.24 -35.17 -31.15
N PHE D 118 22.64 -34.74 -32.34
CA PHE D 118 21.66 -34.43 -33.40
C PHE D 118 21.15 -35.67 -34.16
N THR D 119 21.34 -36.86 -33.58
CA THR D 119 20.76 -38.08 -34.17
C THR D 119 19.23 -38.08 -34.06
N GLY D 120 18.70 -37.44 -33.02
CA GLY D 120 17.27 -37.41 -32.78
C GLY D 120 16.98 -37.76 -31.33
N ASP D 121 16.17 -36.94 -30.68
CA ASP D 121 16.01 -37.03 -29.22
C ASP D 121 15.49 -38.38 -28.73
N ALA D 122 14.45 -38.90 -29.38
CA ALA D 122 13.87 -40.18 -28.97
C ALA D 122 14.87 -41.33 -29.10
N ASP D 123 15.53 -41.43 -30.26
CA ASP D 123 16.58 -42.43 -30.52
C ASP D 123 17.77 -42.28 -29.55
N VAL D 124 18.16 -41.03 -29.27
CA VAL D 124 19.25 -40.77 -28.32
C VAL D 124 18.91 -41.32 -26.93
N LYS D 125 17.79 -40.90 -26.35
CA LYS D 125 17.40 -41.38 -25.00
C LYS D 125 17.29 -42.90 -24.92
N ALA D 126 16.68 -43.50 -25.94
CA ALA D 126 16.54 -44.95 -26.02
C ALA D 126 17.89 -45.64 -26.00
N THR D 127 18.87 -45.06 -26.68
CA THR D 127 20.20 -45.67 -26.73
C THR D 127 20.98 -45.40 -25.45
N VAL D 128 20.85 -44.20 -24.92
CA VAL D 128 21.51 -43.89 -23.65
C VAL D 128 21.00 -44.87 -22.60
N ASP D 129 19.68 -45.10 -22.55
CA ASP D 129 19.11 -46.01 -21.55
C ASP D 129 19.59 -47.44 -21.74
N TYR D 130 19.69 -47.87 -23.00
CA TYR D 130 20.19 -49.21 -23.31
C TYR D 130 21.65 -49.41 -22.87
N ALA D 131 22.47 -48.36 -23.05
CA ALA D 131 23.88 -48.39 -22.65
C ALA D 131 24.02 -48.57 -21.15
N HIS D 132 23.29 -47.76 -20.40
CA HIS D 132 23.41 -47.75 -18.95
C HIS D 132 22.90 -49.04 -18.36
N ALA D 133 21.85 -49.59 -18.96
CA ALA D 133 21.31 -50.90 -18.54
C ALA D 133 22.34 -52.01 -18.64
N HIS D 134 23.30 -51.85 -19.56
CA HIS D 134 24.39 -52.80 -19.77
C HIS D 134 25.74 -52.27 -19.28
N ASN D 135 25.70 -51.25 -18.44
CA ASN D 135 26.89 -50.72 -17.83
C ASN D 135 27.92 -50.28 -18.86
N VAL D 136 27.42 -49.47 -19.80
CA VAL D 136 28.24 -48.84 -20.80
C VAL D 136 27.98 -47.34 -20.75
N TYR D 137 29.06 -46.54 -20.74
CA TYR D 137 28.95 -45.10 -20.66
C TYR D 137 28.77 -44.49 -22.03
N VAL D 138 28.16 -43.32 -22.07
CA VAL D 138 27.95 -42.59 -23.34
C VAL D 138 28.75 -41.31 -23.33
N VAL D 139 29.55 -41.13 -24.37
CA VAL D 139 30.12 -39.85 -24.77
C VAL D 139 29.15 -39.29 -25.80
N MET D 140 28.44 -38.23 -25.47
CA MET D 140 27.48 -37.63 -26.39
C MET D 140 28.19 -36.49 -27.08
N SER D 141 28.11 -36.45 -28.41
CA SER D 141 28.98 -35.61 -29.22
CA SER D 141 28.98 -35.58 -29.19
C SER D 141 28.22 -34.72 -30.19
N ASN D 142 28.79 -33.55 -30.48
CA ASN D 142 28.29 -32.67 -31.55
C ASN D 142 29.52 -32.05 -32.16
N HIS D 143 29.67 -32.11 -33.48
CA HIS D 143 30.82 -31.57 -34.16
C HIS D 143 30.35 -30.69 -35.27
N ASP D 144 30.97 -29.52 -35.37
CA ASP D 144 30.75 -28.63 -36.50
C ASP D 144 32.13 -28.43 -37.10
N PHE D 145 32.37 -29.00 -38.27
CA PHE D 145 33.66 -28.93 -38.96
CA PHE D 145 33.70 -28.85 -38.86
C PHE D 145 33.76 -27.72 -39.89
N HIS D 146 32.69 -26.92 -39.93
CA HIS D 146 32.66 -25.71 -40.78
CA HIS D 146 32.66 -25.73 -40.78
C HIS D 146 32.94 -24.46 -39.98
N GLN D 147 32.27 -24.31 -38.82
CA GLN D 147 32.36 -23.06 -38.06
C GLN D 147 32.16 -23.27 -36.57
N THR D 148 32.25 -22.17 -35.83
CA THR D 148 32.09 -22.15 -34.40
C THR D 148 30.77 -21.44 -34.06
N PRO D 149 29.84 -22.17 -33.43
CA PRO D 149 28.64 -21.53 -32.90
C PRO D 149 28.91 -20.52 -31.78
N SER D 150 27.88 -19.75 -31.40
CA SER D 150 28.05 -18.78 -30.33
C SER D 150 28.33 -19.54 -29.03
N ALA D 151 29.02 -18.91 -28.08
CA ALA D 151 29.28 -19.58 -26.81
C ALA D 151 27.99 -19.96 -26.10
N GLU D 152 26.97 -19.13 -26.23
CA GLU D 152 25.62 -19.38 -25.74
C GLU D 152 25.00 -20.66 -26.34
N GLU D 153 25.17 -20.84 -27.65
CA GLU D 153 24.65 -22.01 -28.36
C GLU D 153 25.37 -23.30 -27.96
N MET D 154 26.69 -23.22 -27.81
CA MET D 154 27.50 -24.38 -27.43
C MET D 154 27.15 -24.80 -26.02
N VAL D 155 27.03 -23.82 -25.12
CA VAL D 155 26.63 -24.15 -23.74
C VAL D 155 25.24 -24.81 -23.76
N LEU D 156 24.33 -24.30 -24.58
CA LEU D 156 23.00 -24.91 -24.66
C LEU D 156 23.04 -26.36 -25.13
N ARG D 157 23.94 -26.65 -26.06
CA ARG D 157 24.08 -28.03 -26.57
C ARG D 157 24.67 -28.96 -25.52
N LEU D 158 25.73 -28.51 -24.86
CA LEU D 158 26.32 -29.31 -23.79
C LEU D 158 25.33 -29.56 -22.64
N ARG D 159 24.50 -28.57 -22.30
CA ARG D 159 23.47 -28.79 -21.26
C ARG D 159 22.41 -29.77 -21.74
N LYS D 160 22.06 -29.71 -23.03
CA LYS D 160 21.07 -30.62 -23.57
C LYS D 160 21.58 -32.06 -23.57
N MET D 161 22.89 -32.22 -23.77
CA MET D 161 23.53 -33.54 -23.64
C MET D 161 23.42 -34.08 -22.21
N GLN D 162 23.65 -33.23 -21.23
CA GLN D 162 23.45 -33.66 -19.86
C GLN D 162 22.00 -34.13 -19.61
N ALA D 163 21.03 -33.41 -20.19
CA ALA D 163 19.58 -33.67 -19.99
C ALA D 163 19.13 -34.99 -20.60
N LEU D 164 19.83 -35.42 -21.65
CA LEU D 164 19.55 -36.67 -22.32
C LEU D 164 20.37 -37.83 -21.71
N GLY D 165 21.17 -37.53 -20.69
CA GLY D 165 21.83 -38.57 -19.88
C GLY D 165 23.26 -38.91 -20.22
N ALA D 166 23.89 -38.09 -21.07
CA ALA D 166 25.28 -38.30 -21.45
C ALA D 166 26.19 -38.37 -20.23
N ASP D 167 27.06 -39.36 -20.18
CA ASP D 167 28.04 -39.45 -19.11
C ASP D 167 29.15 -38.41 -19.30
N ILE D 168 29.41 -38.07 -20.56
CA ILE D 168 30.42 -37.08 -20.92
C ILE D 168 29.96 -36.34 -22.18
N PRO D 169 29.43 -35.14 -22.01
CA PRO D 169 29.13 -34.23 -23.12
C PRO D 169 30.40 -33.81 -23.84
N LYS D 170 30.34 -33.70 -25.18
CA LYS D 170 31.50 -33.44 -26.02
C LYS D 170 31.13 -32.56 -27.21
N ILE D 171 31.85 -31.45 -27.38
CA ILE D 171 31.70 -30.62 -28.56
C ILE D 171 33.06 -30.30 -29.19
N ALA D 172 33.14 -30.46 -30.50
CA ALA D 172 34.32 -30.05 -31.23
C ALA D 172 33.87 -29.14 -32.37
N VAL D 173 34.58 -28.04 -32.58
CA VAL D 173 34.11 -27.01 -33.51
C VAL D 173 35.28 -26.42 -34.24
N MET D 174 35.03 -25.89 -35.44
CA MET D 174 36.09 -25.45 -36.31
C MET D 174 36.20 -23.92 -36.19
N PRO D 175 37.39 -23.41 -35.76
CA PRO D 175 37.57 -21.98 -35.68
C PRO D 175 37.77 -21.40 -37.09
N GLN D 176 37.17 -20.25 -37.34
CA GLN D 176 37.41 -19.48 -38.56
C GLN D 176 38.27 -18.25 -38.25
N SER D 177 38.09 -17.71 -37.06
CA SER D 177 38.87 -16.57 -36.59
C SER D 177 39.59 -17.00 -35.33
N LYS D 178 40.62 -16.24 -34.96
CA LYS D 178 41.27 -16.43 -33.67
C LYS D 178 40.24 -16.23 -32.55
N HIS D 179 39.31 -15.29 -32.74
CA HIS D 179 38.25 -15.04 -31.76
C HIS D 179 37.41 -16.29 -31.49
N ASP D 180 37.11 -17.03 -32.56
CA ASP D 180 36.38 -18.29 -32.45
C ASP D 180 37.01 -19.23 -31.44
N VAL D 181 38.34 -19.24 -31.37
CA VAL D 181 39.04 -20.09 -30.40
C VAL D 181 38.74 -19.64 -28.97
N LEU D 182 38.79 -18.32 -28.72
CA LEU D 182 38.40 -17.79 -27.41
C LEU D 182 36.95 -18.10 -27.06
N THR D 183 36.08 -18.05 -28.06
CA THR D 183 34.67 -18.33 -27.86
C THR D 183 34.47 -19.75 -27.35
N LEU D 184 35.20 -20.70 -27.92
CA LEU D 184 35.13 -22.10 -27.49
C LEU D 184 35.62 -22.21 -26.05
N LEU D 185 36.74 -21.56 -25.72
CA LEU D 185 37.27 -21.56 -24.34
C LEU D 185 36.32 -20.92 -23.34
N THR D 186 35.69 -19.83 -23.78
CA THR D 186 34.67 -19.14 -22.98
C THR D 186 33.49 -20.06 -22.66
N ALA D 187 32.98 -20.77 -23.68
CA ALA D 187 31.86 -21.70 -23.50
C ALA D 187 32.28 -22.81 -22.58
N THR D 188 33.53 -23.23 -22.69
CA THR D 188 34.03 -24.33 -21.86
C THR D 188 33.98 -23.92 -20.39
N LEU D 189 34.55 -22.76 -20.10
CA LEU D 189 34.62 -22.28 -18.73
C LEU D 189 33.22 -22.10 -18.17
N GLU D 190 32.30 -21.54 -18.96
CA GLU D 190 30.93 -21.34 -18.46
C GLU D 190 30.25 -22.64 -18.11
N MET D 191 30.45 -23.65 -18.95
CA MET D 191 29.83 -24.95 -18.73
C MET D 191 30.38 -25.54 -17.44
N GLN D 192 31.69 -25.58 -17.32
CA GLN D 192 32.36 -26.26 -16.21
C GLN D 192 32.02 -25.59 -14.89
N GLN D 193 32.00 -24.26 -14.88
CA GLN D 193 31.83 -23.58 -13.61
C GLN D 193 30.37 -23.38 -13.22
N HIS D 194 29.46 -23.25 -14.18
CA HIS D 194 28.06 -22.91 -13.83
C HIS D 194 27.02 -23.99 -14.13
N TYR D 195 27.36 -25.01 -14.91
CA TYR D 195 26.34 -25.99 -15.38
C TYR D 195 26.69 -27.45 -15.24
N ALA D 196 27.91 -27.80 -15.59
CA ALA D 196 28.37 -29.17 -15.59
C ALA D 196 28.29 -29.82 -14.21
N ASP D 197 27.55 -30.92 -14.11
CA ASP D 197 27.64 -31.81 -12.96
C ASP D 197 28.36 -33.11 -13.33
N ARG D 198 29.14 -33.07 -14.40
CA ARG D 198 29.84 -34.23 -14.91
C ARG D 198 30.95 -33.69 -15.83
N PRO D 199 31.93 -34.55 -16.19
CA PRO D 199 33.01 -34.08 -17.07
C PRO D 199 32.50 -33.70 -18.46
N VAL D 200 33.19 -32.74 -19.09
CA VAL D 200 32.83 -32.27 -20.41
C VAL D 200 34.09 -32.19 -21.27
N ILE D 201 34.00 -32.53 -22.55
CA ILE D 201 35.14 -32.48 -23.43
C ILE D 201 34.84 -31.44 -24.50
N THR D 202 35.77 -30.53 -24.75
CA THR D 202 35.59 -29.51 -25.79
C THR D 202 36.87 -29.35 -26.56
N MET D 203 36.73 -28.98 -27.83
CA MET D 203 37.88 -28.79 -28.66
C MET D 203 37.56 -27.78 -29.75
N SER D 204 38.58 -26.98 -30.02
CA SER D 204 38.61 -26.10 -31.19
C SER D 204 39.59 -26.75 -32.15
N MET D 205 39.11 -27.05 -33.35
CA MET D 205 39.88 -27.84 -34.29
C MET D 205 40.96 -27.08 -35.07
N ALA D 206 41.75 -27.85 -35.82
CA ALA D 206 42.76 -27.32 -36.74
C ALA D 206 43.94 -26.68 -36.01
N LYS D 207 44.89 -26.11 -36.74
CA LYS D 207 46.02 -25.42 -36.15
C LYS D 207 45.56 -24.24 -35.26
N GLU D 208 44.64 -23.41 -35.76
CA GLU D 208 44.19 -22.24 -35.00
C GLU D 208 43.73 -22.60 -33.59
N GLY D 209 43.16 -23.79 -33.45
CA GLY D 209 42.54 -24.23 -32.20
C GLY D 209 43.44 -25.00 -31.25
N VAL D 210 44.69 -25.23 -31.64
CA VAL D 210 45.60 -26.08 -30.86
C VAL D 210 45.65 -25.75 -29.35
N ILE D 211 45.61 -24.48 -29.00
CA ILE D 211 45.73 -24.14 -27.58
C ILE D 211 44.62 -24.85 -26.79
N SER D 212 43.46 -25.08 -27.42
CA SER D 212 42.33 -25.75 -26.77
C SER D 212 42.63 -27.21 -26.42
N ARG D 213 43.53 -27.83 -27.19
CA ARG D 213 44.04 -29.17 -26.91
C ARG D 213 44.94 -29.20 -25.68
N LEU D 214 45.58 -28.07 -25.41
CA LEU D 214 46.59 -27.96 -24.35
C LEU D 214 46.00 -27.46 -23.04
N ALA D 215 44.98 -26.60 -23.11
CA ALA D 215 44.55 -25.80 -21.96
C ALA D 215 43.36 -26.38 -21.19
N GLY D 216 43.00 -27.63 -21.47
CA GLY D 216 41.83 -28.24 -20.89
C GLY D 216 41.69 -28.12 -19.38
N GLU D 217 42.79 -28.29 -18.67
CA GLU D 217 42.81 -28.15 -17.22
C GLU D 217 42.41 -26.74 -16.79
N VAL D 218 42.80 -25.74 -17.59
CA VAL D 218 42.60 -24.35 -17.22
C VAL D 218 41.12 -23.97 -17.34
N PHE D 219 40.49 -24.34 -18.46
CA PHE D 219 39.16 -23.85 -18.80
C PHE D 219 38.04 -24.86 -18.71
N GLY D 220 38.38 -26.13 -18.49
CA GLY D 220 37.42 -27.14 -18.07
C GLY D 220 37.11 -28.26 -19.05
N SER D 221 38.07 -28.61 -19.91
CA SER D 221 37.90 -29.76 -20.81
C SER D 221 38.63 -30.94 -20.21
N ALA D 222 37.93 -32.05 -20.08
CA ALA D 222 38.40 -33.17 -19.27
C ALA D 222 39.22 -34.17 -20.09
N ALA D 223 39.27 -33.94 -21.40
CA ALA D 223 40.06 -34.79 -22.26
C ALA D 223 40.45 -34.11 -23.53
N THR D 224 41.48 -34.65 -24.14
CA THR D 224 42.06 -34.11 -25.34
C THR D 224 42.53 -35.23 -26.27
N PHE D 225 42.80 -34.90 -27.53
CA PHE D 225 43.15 -35.91 -28.54
C PHE D 225 44.59 -35.75 -28.97
N GLY D 226 45.32 -36.85 -28.95
CA GLY D 226 46.72 -36.89 -29.43
C GLY D 226 46.90 -37.90 -30.53
N ALA D 227 48.01 -37.80 -31.26
CA ALA D 227 48.25 -38.70 -32.40
C ALA D 227 49.41 -39.64 -32.11
N VAL D 228 49.23 -40.92 -32.41
CA VAL D 228 50.35 -41.86 -32.33
C VAL D 228 51.13 -41.74 -33.64
N LYS D 229 50.41 -41.55 -34.75
CA LYS D 229 51.02 -41.31 -36.08
C LYS D 229 50.01 -40.67 -37.04
N PRO D 234 46.48 -30.90 -39.87
CA PRO D 234 47.21 -30.05 -38.94
C PRO D 234 46.46 -29.80 -37.63
N GLY D 235 47.18 -29.31 -36.63
CA GLY D 235 46.63 -29.14 -35.28
C GLY D 235 46.75 -30.40 -34.44
N GLN D 236 47.26 -31.47 -35.05
CA GLN D 236 47.51 -32.72 -34.36
C GLN D 236 48.79 -32.62 -33.54
N ILE D 237 48.79 -33.28 -32.40
CA ILE D 237 49.94 -33.26 -31.54
C ILE D 237 50.27 -34.69 -31.18
N ALA D 238 51.52 -35.07 -31.45
CA ALA D 238 52.05 -36.35 -31.03
C ALA D 238 51.80 -36.56 -29.55
N VAL D 239 51.30 -37.73 -29.18
CA VAL D 239 50.97 -38.03 -27.77
C VAL D 239 52.05 -37.64 -26.77
N ASN D 240 53.30 -37.98 -27.03
CA ASN D 240 54.35 -37.65 -26.08
C ASN D 240 54.54 -36.15 -25.94
N ASP D 241 54.38 -35.41 -27.02
CA ASP D 241 54.50 -33.96 -26.91
C ASP D 241 53.32 -33.41 -26.11
N LEU D 242 52.13 -33.88 -26.48
CA LEU D 242 50.91 -33.49 -25.78
C LEU D 242 51.04 -33.75 -24.27
N ARG D 243 51.44 -34.97 -23.89
CA ARG D 243 51.65 -35.32 -22.49
C ARG D 243 52.63 -34.35 -21.81
N SER D 244 53.71 -34.00 -22.51
CA SER D 244 54.72 -33.10 -21.95
C SER D 244 54.10 -31.77 -21.58
N VAL D 245 53.28 -31.22 -22.47
CA VAL D 245 52.67 -29.90 -22.25
C VAL D 245 51.63 -29.92 -21.15
N LEU D 246 50.83 -30.98 -21.12
CA LEU D 246 49.83 -31.12 -20.07
C LEU D 246 50.52 -31.18 -18.69
N MET D 247 51.67 -31.85 -18.61
CA MET D 247 52.37 -31.97 -17.35
C MET D 247 52.98 -30.64 -16.93
N ILE D 248 53.54 -29.90 -17.89
CA ILE D 248 54.08 -28.59 -17.56
C ILE D 248 52.98 -27.67 -17.01
N LEU D 249 51.82 -27.64 -17.64
CA LEU D 249 50.67 -26.88 -17.10
C LEU D 249 50.16 -27.39 -15.75
N HIS D 250 50.12 -28.69 -15.58
CA HIS D 250 49.51 -29.29 -14.40
C HIS D 250 50.36 -29.06 -13.16
N ASN D 251 51.68 -29.01 -13.37
CA ASN D 251 52.67 -28.96 -12.29
C ASN D 251 53.22 -27.56 -12.00
N ALA D 252 52.73 -26.55 -12.71
CA ALA D 252 53.13 -25.17 -12.43
C ALA D 252 52.50 -24.68 -11.12
OAB 9PY E . -44.57 35.21 8.69
CAI 9PY E . -43.41 34.75 8.63
OAD 9PY E . -42.88 34.16 7.66
CAN 9PY E . -42.55 34.89 9.88
OAG 9PY E . -41.21 34.48 9.58
CAH 9PY E . -42.55 36.35 10.32
CAL 9PY E . -41.81 36.49 11.64
OAE 9PY E . -41.90 37.81 12.12
CAM 9PY E . -42.45 35.57 12.66
OAF 9PY E . -41.70 35.74 13.85
CAJ 9PY E . -42.46 34.24 12.19
OAC 9PY E . -41.92 33.33 12.82
CAK 9PY E . -43.11 33.99 10.98
CAA 9PY E . -42.93 32.50 10.60
OAB 9PY F . -2.82 10.59 16.20
CAI 9PY F . -3.36 11.11 17.21
OAD 9PY F . -4.26 10.59 17.92
CAN 9PY F . -2.86 12.50 17.59
OAG 9PY F . -3.25 12.80 18.94
CAH 9PY F . -1.33 12.44 17.45
CAL 9PY F . -0.70 13.80 17.64
OAE 9PY F . 0.71 13.70 17.31
CAM 9PY F . -1.36 14.83 16.71
OAF 9PY F . -0.76 16.13 16.99
CAJ 9PY F . -2.76 14.81 16.89
OAC 9PY F . -3.39 15.84 17.16
CAK 9PY F . -3.43 13.57 16.66
CAA 9PY F . -4.96 13.71 16.89
OAB 9PY G . 14.34 -18.30 5.00
CAI 9PY G . 14.97 -19.09 4.26
OAD 9PY G . 16.03 -19.70 4.56
CAN 9PY G . 14.40 -19.32 2.86
OAG 9PY G . 15.16 -20.35 2.20
CAH 9PY G . 12.94 -19.77 2.99
CAL 9PY G . 12.37 -19.98 1.59
OAE 9PY G . 11.00 -20.34 1.69
CAM 9PY G . 12.52 -18.69 0.79
OAF 9PY G . 11.97 -18.90 -0.52
CAJ 9PY G . 13.88 -18.34 0.78
OAC 9PY G . 14.59 -18.41 -0.24
CAK 9PY G . 14.45 -18.03 2.01
CAA 9PY G . 15.90 -17.51 1.85
OAB 9PY H . 41.69 -34.09 -32.66
CAI 9PY H . 40.77 -33.75 -33.43
OAD 9PY H . 40.64 -32.63 -33.97
CAN 9PY H . 39.72 -34.82 -33.77
OAG 9PY H . 38.83 -34.34 -34.79
CAH 9PY H . 40.47 -36.06 -34.29
CAL 9PY H . 39.52 -37.20 -34.56
OAE 9PY H . 40.28 -38.35 -34.98
CAM 9PY H . 38.74 -37.53 -33.29
OAF 9PY H . 37.76 -38.55 -33.59
CAJ 9PY H . 38.13 -36.36 -32.78
OAC 9PY H . 36.94 -36.35 -32.49
CAK 9PY H . 38.93 -35.21 -32.52
CAA 9PY H . 38.07 -34.02 -32.04
#